data_6EZL
#
_entry.id   6EZL
#
_cell.length_a   118.495
_cell.length_b   59.086
_cell.length_c   139.015
_cell.angle_alpha   90.00
_cell.angle_beta   112.64
_cell.angle_gamma   90.00
#
_symmetry.space_group_name_H-M   'C 1 2 1'
#
loop_
_entity.id
_entity.type
_entity.pdbx_description
1 polymer 'Aspartate aminotransferase'
2 non-polymer "PYRIDOXAL-5'-PHOSPHATE"
3 water water
#
_entity_poly.entity_id   1
_entity_poly.type   'polypeptide(L)'
_entity_poly.pdbx_seq_one_letter_code
;MAIRCLWNNIAALPADPIFSASLVAKKAPEPKADLIIGAYRDAEGHPYPLNVVRKAEQRLLEMNADKEYLPMSGYAPFIE
ESLKIAYGDSVARENVVGIQGLSGTGSLSIGACFLARVLSRDTPVYISDPTWPNHYAVMAAANLTDLRKYRYYDNAKRCI
DFDGLLEDLNGAPEGSIVILHACAHNPTGMDPTHEQWAKILEVFQARRLIPFFDSAYQGYATGSLDNDAYSIRLFARQGM
EMLLAQSYSKNMGLYAERVGVCSIVTANPKKAPLIKSQLETIVRSQYSTPPAHGARVAYLVLSDPELRAGWEQELRVMST
RVLEMRQALYDGLKRLGTPGSWEHIIQQVGMFSYLGLTKAQCEKLIERRVFVLPSGRANMAGLTKRSVELLVKGIDEVVR
TVTE
;
_entity_poly.pdbx_strand_id   A,B
#
loop_
_chem_comp.id
_chem_comp.type
_chem_comp.name
_chem_comp.formula
PLP non-polymer PYRIDOXAL-5'-PHOSPHATE 'C8 H10 N O6 P'
#
# COMPACT_ATOMS: atom_id res chain seq x y z
N ARG A 4 -3.21 -13.13 31.03
CA ARG A 4 -2.91 -13.51 29.65
C ARG A 4 -2.69 -12.27 28.79
N CYS A 5 -1.69 -12.37 27.91
CA CYS A 5 -1.39 -11.36 26.91
C CYS A 5 -0.86 -12.06 25.66
N LEU A 6 -1.56 -11.85 24.54
CA LEU A 6 -1.20 -12.42 23.24
C LEU A 6 0.18 -12.02 22.77
N TRP A 7 0.68 -10.87 23.23
CA TRP A 7 1.83 -10.21 22.65
C TRP A 7 3.07 -10.30 23.54
N ASN A 8 3.09 -11.23 24.50
CA ASN A 8 4.18 -11.25 25.47
C ASN A 8 5.53 -11.65 24.85
N ASN A 9 5.53 -12.20 23.64
CA ASN A 9 6.74 -12.62 22.95
C ASN A 9 7.11 -11.70 21.78
N ILE A 10 6.56 -10.50 21.73
CA ILE A 10 6.61 -9.69 20.50
C ILE A 10 8.03 -9.48 19.99
N ALA A 11 9.02 -9.42 20.87
CA ALA A 11 10.43 -9.38 20.47
C ALA A 11 10.95 -7.96 20.23
N ALA A 12 11.99 -7.59 20.97
CA ALA A 12 12.57 -6.26 20.85
C ALA A 12 13.15 -6.07 19.46
N LEU A 13 13.04 -4.83 18.97
CA LEU A 13 13.63 -4.45 17.71
C LEU A 13 14.50 -3.23 17.95
N PRO A 14 15.67 -3.16 17.30
CA PRO A 14 16.47 -1.94 17.38
C PRO A 14 15.65 -0.75 16.89
N ALA A 15 15.92 0.42 17.46
CA ALA A 15 15.17 1.59 17.08
C ALA A 15 15.64 2.13 15.72
N ASP A 16 14.81 2.98 15.13
CA ASP A 16 15.07 3.55 13.81
C ASP A 16 16.32 4.42 13.86
N PRO A 17 17.45 4.00 13.26
CA PRO A 17 18.63 4.88 13.25
C PRO A 17 18.33 6.23 12.63
N ILE A 18 17.77 6.23 11.41
CA ILE A 18 17.71 7.43 10.58
C ILE A 18 16.83 8.51 11.21
N PHE A 19 15.64 8.13 11.69
CA PHE A 19 14.69 9.15 12.14
C PHE A 19 15.31 10.08 13.18
N SER A 20 15.90 9.51 14.24
CA SER A 20 16.53 10.33 15.27
C SER A 20 17.59 11.24 14.67
N ALA A 21 18.58 10.64 13.99
CA ALA A 21 19.68 11.41 13.41
C ALA A 21 19.16 12.49 12.48
N SER A 22 18.07 12.20 11.76
CA SER A 22 17.46 13.19 10.88
C SER A 22 17.00 14.41 11.67
N LEU A 23 16.36 14.21 12.83
CA LEU A 23 15.89 15.36 13.59
C LEU A 23 17.06 16.16 14.13
N VAL A 24 18.13 15.48 14.52
CA VAL A 24 19.35 16.14 14.96
C VAL A 24 19.82 17.14 13.91
N ALA A 25 20.07 16.64 12.70
CA ALA A 25 20.50 17.51 11.60
C ALA A 25 19.52 18.68 11.39
N LYS A 26 18.21 18.38 11.32
CA LYS A 26 17.20 19.42 11.08
C LYS A 26 17.23 20.48 12.19
N LYS A 27 16.96 20.05 13.44
CA LYS A 27 17.00 20.95 14.59
C LYS A 27 18.42 21.17 15.10
N ALA A 28 19.39 21.20 14.19
CA ALA A 28 20.73 21.63 14.55
C ALA A 28 20.90 23.06 14.11
N PRO A 29 21.62 23.84 14.94
CA PRO A 29 21.81 25.27 14.71
C PRO A 29 21.42 25.80 13.33
N GLU A 30 22.37 25.94 12.42
CA GLU A 30 22.12 26.74 11.22
C GLU A 30 23.38 26.78 10.36
N PRO A 31 24.52 27.13 10.92
CA PRO A 31 25.79 26.85 10.23
C PRO A 31 26.05 25.35 10.15
N LYS A 32 25.50 24.69 9.13
CA LYS A 32 25.57 23.23 9.09
C LYS A 32 25.51 22.75 7.66
N ALA A 33 25.86 21.47 7.48
CA ALA A 33 25.75 20.76 6.21
C ALA A 33 24.94 19.49 6.46
N ASP A 34 23.66 19.49 6.04
CA ASP A 34 22.76 18.38 6.28
C ASP A 34 22.76 17.52 5.01
N LEU A 35 23.42 16.36 5.07
CA LEU A 35 23.45 15.39 3.99
C LEU A 35 22.62 14.15 4.31
N ILE A 36 21.73 14.25 5.29
CA ILE A 36 20.75 13.20 5.60
C ILE A 36 19.51 13.45 4.76
N ILE A 37 18.93 14.63 4.92
CA ILE A 37 17.72 15.06 4.23
C ILE A 37 18.06 16.25 3.36
N GLY A 38 18.26 17.40 4.03
CA GLY A 38 18.66 18.63 3.39
C GLY A 38 17.61 19.25 2.51
N ALA A 39 17.95 19.38 1.22
CA ALA A 39 17.05 20.02 0.27
C ALA A 39 15.82 19.15 -0.02
N TYR A 40 16.01 17.83 -0.05
CA TYR A 40 14.89 16.95 -0.34
C TYR A 40 14.00 16.81 0.89
N ARG A 41 12.89 16.04 0.75
CA ARG A 41 11.77 16.13 1.68
C ARG A 41 11.83 15.15 2.84
N ASP A 42 12.60 14.09 2.71
CA ASP A 42 12.72 13.10 3.76
C ASP A 42 14.11 12.50 3.69
N ALA A 43 14.41 11.61 4.62
CA ALA A 43 15.70 10.94 4.58
C ALA A 43 15.73 9.86 3.53
N GLU A 44 14.56 9.50 2.97
CA GLU A 44 14.49 8.67 1.79
C GLU A 44 14.97 9.40 0.55
N GLY A 45 15.04 10.73 0.59
CA GLY A 45 15.49 11.50 -0.56
C GLY A 45 14.44 11.82 -1.62
N HIS A 46 13.16 11.74 -1.27
CA HIS A 46 12.10 12.11 -2.17
C HIS A 46 12.23 13.57 -2.52
N PRO A 47 12.41 13.92 -3.78
CA PRO A 47 12.44 15.34 -4.14
C PRO A 47 11.03 15.88 -4.30
N TYR A 48 10.98 17.20 -4.41
CA TYR A 48 9.74 17.83 -4.75
C TYR A 48 9.41 17.54 -6.20
N PRO A 49 8.14 17.63 -6.58
CA PRO A 49 7.77 17.48 -8.00
C PRO A 49 8.65 18.34 -8.91
N LEU A 50 9.14 17.69 -9.97
CA LEU A 50 9.94 18.33 -10.99
C LEU A 50 9.07 19.22 -11.87
N ASN A 51 9.74 20.17 -12.54
CA ASN A 51 9.07 21.22 -13.31
C ASN A 51 8.03 20.63 -14.26
N VAL A 52 8.42 19.60 -14.99
CA VAL A 52 7.52 18.99 -15.96
C VAL A 52 6.36 18.32 -15.26
N VAL A 53 6.63 17.64 -14.14
CA VAL A 53 5.55 17.02 -13.39
C VAL A 53 4.52 18.08 -13.01
N ARG A 54 4.98 19.28 -12.64
CA ARG A 54 4.07 20.35 -12.26
C ARG A 54 3.25 20.82 -13.46
N LYS A 55 3.90 20.97 -14.62
CA LYS A 55 3.19 21.24 -15.87
C LYS A 55 2.14 20.17 -16.14
N ALA A 56 2.48 18.89 -15.94
CA ALA A 56 1.50 17.83 -16.18
C ALA A 56 0.34 17.88 -15.18
N GLU A 57 0.63 18.18 -13.91
CA GLU A 57 -0.44 18.32 -12.92
C GLU A 57 -1.45 19.38 -13.38
N GLN A 58 -0.95 20.50 -13.93
CA GLN A 58 -1.80 21.60 -14.37
C GLN A 58 -2.59 21.23 -15.63
N ARG A 59 -1.87 20.78 -16.68
CA ARG A 59 -2.50 20.33 -17.92
C ARG A 59 -3.61 19.31 -17.65
N LEU A 60 -3.61 18.69 -16.48
CA LEU A 60 -4.65 17.75 -16.07
C LEU A 60 -5.76 18.50 -15.34
N LEU A 61 -6.36 19.43 -16.08
CA LEU A 61 -7.39 20.33 -15.58
C LEU A 61 -7.95 21.13 -16.75
N TYR A 69 -12.88 4.60 -14.55
CA TYR A 69 -13.39 3.25 -14.77
C TYR A 69 -12.26 2.23 -14.91
N LEU A 70 -11.39 2.13 -13.91
CA LEU A 70 -10.16 1.40 -14.18
C LEU A 70 -10.24 -0.06 -13.77
N PRO A 71 -9.65 -0.96 -14.56
CA PRO A 71 -9.44 -2.32 -14.07
C PRO A 71 -8.45 -2.30 -12.92
N MET A 72 -8.39 -3.43 -12.19
CA MET A 72 -7.60 -3.48 -10.97
C MET A 72 -6.10 -3.25 -11.26
N SER A 73 -5.61 -3.76 -12.40
CA SER A 73 -4.22 -3.54 -12.80
C SER A 73 -3.89 -2.05 -12.91
N GLY A 74 -4.87 -1.21 -13.26
CA GLY A 74 -4.74 0.23 -13.12
C GLY A 74 -4.91 0.95 -14.45
N TYR A 75 -4.31 2.11 -14.55
CA TYR A 75 -4.45 2.98 -15.74
C TYR A 75 -3.52 2.45 -16.82
N ALA A 76 -4.10 1.77 -17.81
CA ALA A 76 -3.29 1.07 -18.80
C ALA A 76 -2.33 1.98 -19.57
N PRO A 77 -2.70 3.19 -19.99
CA PRO A 77 -1.71 4.03 -20.67
C PRO A 77 -0.46 4.26 -19.85
N PHE A 78 -0.59 4.48 -18.55
CA PHE A 78 0.58 4.63 -17.70
C PHE A 78 1.40 3.33 -17.67
N ILE A 79 0.74 2.20 -17.50
CA ILE A 79 1.49 0.96 -17.47
C ILE A 79 2.29 0.81 -18.75
N GLU A 80 1.69 1.15 -19.90
CA GLU A 80 2.42 0.92 -21.15
C GLU A 80 3.65 1.81 -21.25
N GLU A 81 3.52 3.07 -20.86
CA GLU A 81 4.68 3.95 -20.93
C GLU A 81 5.76 3.52 -19.94
N SER A 82 5.34 3.03 -18.78
CA SER A 82 6.27 2.60 -17.75
C SER A 82 7.06 1.39 -18.24
N LEU A 83 6.37 0.44 -18.89
CA LEU A 83 7.07 -0.70 -19.49
C LEU A 83 8.03 -0.24 -20.59
N LYS A 84 7.59 0.71 -21.42
CA LYS A 84 8.46 1.22 -22.49
C LYS A 84 9.76 1.78 -21.93
N ILE A 85 9.66 2.68 -20.94
CA ILE A 85 10.85 3.36 -20.39
C ILE A 85 11.79 2.34 -19.76
N ALA A 86 11.22 1.30 -19.14
CA ALA A 86 12.05 0.28 -18.51
C ALA A 86 12.61 -0.67 -19.53
N TYR A 87 11.77 -1.32 -20.33
CA TYR A 87 12.21 -2.41 -21.19
C TYR A 87 12.66 -1.93 -22.57
N GLY A 88 12.21 -0.77 -23.03
CA GLY A 88 12.64 -0.21 -24.31
C GLY A 88 12.74 -1.16 -25.49
N ASP A 89 11.71 -1.96 -25.71
CA ASP A 89 11.64 -2.94 -26.80
C ASP A 89 12.67 -4.05 -26.68
N SER A 90 13.22 -4.28 -25.48
CA SER A 90 14.19 -5.35 -25.34
C SER A 90 13.51 -6.71 -25.46
N VAL A 91 12.23 -6.79 -25.11
CA VAL A 91 11.41 -7.97 -25.36
C VAL A 91 10.08 -7.53 -26.01
N ALA A 92 9.40 -8.50 -26.61
CA ALA A 92 8.09 -8.22 -27.16
C ALA A 92 7.08 -7.95 -26.05
N ARG A 93 6.11 -7.09 -26.36
CA ARG A 93 5.15 -6.65 -25.36
C ARG A 93 4.44 -7.83 -24.68
N GLU A 94 4.12 -8.88 -25.45
CA GLU A 94 3.35 -10.03 -24.97
C GLU A 94 4.10 -10.84 -23.94
N ASN A 95 5.40 -10.60 -23.77
CA ASN A 95 6.19 -11.23 -22.71
C ASN A 95 6.21 -10.42 -21.42
N VAL A 96 5.49 -9.30 -21.40
CA VAL A 96 5.54 -8.36 -20.28
C VAL A 96 4.14 -8.29 -19.65
N VAL A 97 4.08 -8.31 -18.32
CA VAL A 97 2.86 -8.07 -17.57
C VAL A 97 3.12 -7.01 -16.52
N GLY A 98 2.30 -5.98 -16.49
CA GLY A 98 2.44 -4.90 -15.53
C GLY A 98 1.18 -4.55 -14.80
N ILE A 99 1.35 -4.12 -13.57
CA ILE A 99 0.26 -3.55 -12.78
C ILE A 99 0.83 -2.41 -11.97
N GLN A 100 -0.09 -1.51 -11.60
CA GLN A 100 0.26 -0.38 -10.76
C GLN A 100 0.63 -0.80 -9.34
N GLY A 101 1.66 -0.19 -8.79
CA GLY A 101 1.96 -0.34 -7.38
C GLY A 101 1.92 1.03 -6.72
N LEU A 102 1.70 1.10 -5.40
CA LEU A 102 1.74 2.35 -4.65
C LEU A 102 3.21 2.70 -4.42
N SER A 103 3.78 3.33 -5.44
CA SER A 103 5.12 3.88 -5.39
C SER A 103 6.09 2.73 -5.52
N GLY A 104 7.36 2.97 -5.23
CA GLY A 104 8.34 1.89 -5.27
C GLY A 104 8.05 0.81 -4.24
N THR A 105 7.80 1.22 -3.00
CA THR A 105 7.57 0.27 -1.93
C THR A 105 6.40 -0.66 -2.26
N GLY A 106 5.28 -0.10 -2.71
CA GLY A 106 4.14 -0.94 -3.06
C GLY A 106 4.46 -1.86 -4.22
N SER A 107 5.20 -1.37 -5.21
CA SER A 107 5.56 -2.24 -6.32
C SER A 107 6.49 -3.38 -5.90
N LEU A 108 7.46 -3.12 -5.04
CA LEU A 108 8.30 -4.19 -4.51
C LEU A 108 7.47 -5.25 -3.80
N SER A 109 6.50 -4.81 -3.00
CA SER A 109 5.75 -5.74 -2.18
C SER A 109 4.85 -6.59 -3.06
N ILE A 110 4.25 -5.98 -4.08
CA ILE A 110 3.51 -6.76 -5.06
C ILE A 110 4.37 -7.86 -5.63
N GLY A 111 5.56 -7.49 -6.11
CA GLY A 111 6.46 -8.48 -6.68
C GLY A 111 6.87 -9.54 -5.68
N ALA A 112 7.15 -9.12 -4.46
CA ALA A 112 7.53 -10.04 -3.41
C ALA A 112 6.38 -10.97 -3.08
N CYS A 113 5.17 -10.43 -2.92
CA CYS A 113 4.04 -11.31 -2.67
C CYS A 113 3.81 -12.23 -3.85
N PHE A 114 4.00 -11.73 -5.08
CA PHE A 114 3.84 -12.60 -6.26
C PHE A 114 4.82 -13.76 -6.21
N LEU A 115 6.10 -13.45 -5.96
CA LEU A 115 7.11 -14.52 -5.87
C LEU A 115 6.75 -15.50 -4.75
N ALA A 116 6.24 -14.99 -3.62
CA ALA A 116 5.87 -15.86 -2.52
C ALA A 116 4.71 -16.77 -2.89
N ARG A 117 3.77 -16.27 -3.69
CA ARG A 117 2.58 -17.04 -4.00
C ARG A 117 2.83 -18.07 -5.10
N VAL A 118 3.67 -17.74 -6.08
CA VAL A 118 3.77 -18.62 -7.24
C VAL A 118 4.97 -19.56 -7.16
N LEU A 119 5.97 -19.22 -6.36
CA LEU A 119 7.12 -20.10 -6.18
C LEU A 119 6.99 -20.70 -4.79
N SER A 120 7.26 -19.89 -3.79
CA SER A 120 7.27 -20.36 -2.42
C SER A 120 7.81 -19.31 -1.49
N ARG A 121 7.24 -19.23 -0.31
CA ARG A 121 7.67 -18.28 0.68
C ARG A 121 9.08 -18.61 1.20
N ASP A 122 9.50 -19.86 1.07
CA ASP A 122 10.80 -20.34 1.51
C ASP A 122 11.87 -20.14 0.45
N THR A 123 11.53 -19.54 -0.68
CA THR A 123 12.52 -19.28 -1.72
C THR A 123 13.59 -18.34 -1.18
N PRO A 124 14.86 -18.70 -1.24
CA PRO A 124 15.89 -17.77 -0.77
C PRO A 124 15.87 -16.48 -1.58
N VAL A 125 16.10 -15.38 -0.87
CA VAL A 125 16.21 -14.05 -1.46
C VAL A 125 17.58 -13.50 -1.08
N TYR A 126 18.40 -13.23 -2.09
CA TYR A 126 19.67 -12.56 -1.87
C TYR A 126 19.52 -11.04 -2.00
N ILE A 127 20.16 -10.34 -1.08
CA ILE A 127 20.01 -8.90 -0.93
C ILE A 127 21.41 -8.32 -0.83
N SER A 128 21.62 -7.16 -1.42
CA SER A 128 22.99 -6.68 -1.45
C SER A 128 23.39 -6.18 -0.06
N ASP A 129 24.67 -6.33 0.24
CA ASP A 129 25.20 -5.79 1.49
C ASP A 129 26.09 -4.59 1.17
N PRO A 130 25.67 -3.34 1.41
CA PRO A 130 24.40 -2.92 1.99
C PRO A 130 23.30 -2.79 0.92
N THR A 131 22.11 -2.46 1.37
CA THR A 131 21.00 -2.25 0.46
C THR A 131 20.14 -1.11 1.00
N TRP A 132 19.07 -0.83 0.27
CA TRP A 132 17.99 0.02 0.70
C TRP A 132 17.32 -0.66 1.88
N PRO A 133 17.37 -0.10 3.10
CA PRO A 133 16.97 -0.87 4.30
C PRO A 133 15.60 -1.52 4.21
N ASN A 134 14.60 -0.87 3.64
CA ASN A 134 13.24 -1.43 3.67
C ASN A 134 13.03 -2.61 2.76
N HIS A 135 14.03 -2.98 1.96
CA HIS A 135 13.96 -4.27 1.29
C HIS A 135 13.61 -5.38 2.28
N TYR A 136 14.24 -5.37 3.46
CA TYR A 136 13.98 -6.43 4.43
C TYR A 136 12.54 -6.39 4.90
N ALA A 137 12.01 -5.19 5.15
CA ALA A 137 10.63 -5.05 5.59
C ALA A 137 9.67 -5.59 4.52
N VAL A 138 9.98 -5.38 3.25
CA VAL A 138 9.09 -5.84 2.19
C VAL A 138 9.07 -7.36 2.14
N MET A 139 10.26 -7.97 2.16
CA MET A 139 10.32 -9.43 2.08
C MET A 139 9.65 -10.03 3.31
N ALA A 140 9.87 -9.43 4.49
CA ALA A 140 9.25 -9.98 5.69
C ALA A 140 7.72 -9.88 5.63
N ALA A 141 7.18 -8.78 5.10
CA ALA A 141 5.73 -8.69 5.02
C ALA A 141 5.15 -9.76 4.10
N ALA A 142 5.87 -10.10 3.05
CA ALA A 142 5.49 -11.18 2.16
C ALA A 142 5.73 -12.53 2.78
N ASN A 143 6.36 -12.56 3.95
CA ASN A 143 6.74 -13.79 4.62
C ASN A 143 7.81 -14.54 3.85
N LEU A 144 8.60 -13.83 3.07
CA LEU A 144 9.87 -14.35 2.56
C LEU A 144 10.87 -14.38 3.71
N THR A 145 11.08 -15.56 4.30
CA THR A 145 11.84 -15.66 5.53
C THR A 145 13.29 -16.09 5.32
N ASP A 146 13.65 -16.63 4.16
CA ASP A 146 15.03 -17.04 3.93
C ASP A 146 15.76 -15.92 3.18
N LEU A 147 16.25 -14.97 3.96
CA LEU A 147 16.93 -13.77 3.48
C LEU A 147 18.44 -13.90 3.62
N ARG A 148 19.17 -13.64 2.54
CA ARG A 148 20.62 -13.81 2.53
C ARG A 148 21.27 -12.59 1.90
N LYS A 149 22.54 -12.43 2.23
CA LYS A 149 23.35 -11.32 1.76
C LYS A 149 24.23 -11.79 0.61
N TYR A 150 24.38 -10.93 -0.39
CA TYR A 150 25.53 -11.03 -1.27
C TYR A 150 26.42 -9.82 -1.04
N ARG A 151 27.71 -10.08 -0.86
CA ARG A 151 28.65 -8.97 -0.69
C ARG A 151 28.51 -7.97 -1.82
N TYR A 152 28.57 -6.70 -1.49
CA TYR A 152 28.42 -5.70 -2.51
C TYR A 152 29.45 -4.60 -2.35
N TYR A 153 29.33 -3.81 -1.28
CA TYR A 153 30.29 -2.75 -1.00
C TYR A 153 31.46 -3.27 -0.18
N ASP A 154 32.67 -2.95 -0.63
CA ASP A 154 33.91 -3.27 0.08
C ASP A 154 34.38 -2.04 0.82
N ASN A 155 34.21 -2.04 2.15
CA ASN A 155 34.43 -0.84 2.95
C ASN A 155 35.90 -0.46 3.01
N ALA A 156 36.79 -1.43 2.92
CA ALA A 156 38.22 -1.15 2.99
C ALA A 156 38.72 -0.59 1.67
N LYS A 157 38.35 -1.22 0.56
CA LYS A 157 38.82 -0.84 -0.76
C LYS A 157 37.89 0.17 -1.45
N ARG A 158 36.78 0.55 -0.82
CA ARG A 158 35.91 1.62 -1.30
C ARG A 158 35.51 1.38 -2.76
N CYS A 159 35.02 0.17 -3.00
CA CYS A 159 34.56 -0.23 -4.31
C CYS A 159 33.59 -1.38 -4.13
N ILE A 160 33.02 -1.80 -5.24
CA ILE A 160 32.18 -2.97 -5.28
C ILE A 160 33.04 -4.21 -5.09
N ASP A 161 32.70 -5.01 -4.09
CA ASP A 161 33.40 -6.27 -3.84
C ASP A 161 32.87 -7.27 -4.87
N PHE A 162 33.36 -7.15 -6.10
CA PHE A 162 32.79 -7.91 -7.19
C PHE A 162 33.19 -9.38 -7.13
N ASP A 163 34.42 -9.68 -6.70
CA ASP A 163 34.77 -11.07 -6.46
C ASP A 163 33.85 -11.67 -5.41
N GLY A 164 33.63 -10.96 -4.30
CA GLY A 164 32.74 -11.51 -3.28
C GLY A 164 31.33 -11.67 -3.81
N LEU A 165 30.84 -10.66 -4.52
CA LEU A 165 29.49 -10.72 -5.05
C LEU A 165 29.29 -11.99 -5.88
N LEU A 166 30.20 -12.22 -6.82
CA LEU A 166 30.12 -13.40 -7.66
C LEU A 166 30.28 -14.68 -6.88
N GLU A 167 31.07 -14.69 -5.80
CA GLU A 167 31.18 -15.91 -5.01
C GLU A 167 29.86 -16.24 -4.35
N ASP A 168 29.21 -15.21 -3.78
CA ASP A 168 27.98 -15.42 -3.04
C ASP A 168 26.86 -15.79 -3.99
N LEU A 169 26.85 -15.21 -5.18
CA LEU A 169 25.78 -15.59 -6.13
C LEU A 169 26.05 -16.95 -6.75
N ASN A 170 27.33 -17.30 -6.91
CA ASN A 170 27.65 -18.65 -7.40
C ASN A 170 27.31 -19.74 -6.39
N GLY A 171 27.10 -19.38 -5.13
CA GLY A 171 26.61 -20.24 -4.07
C GLY A 171 25.10 -20.27 -3.97
N ALA A 172 24.42 -19.44 -4.76
CA ALA A 172 22.97 -19.32 -4.57
C ALA A 172 22.31 -20.62 -5.02
N PRO A 173 21.45 -21.23 -4.20
CA PRO A 173 20.64 -22.34 -4.72
C PRO A 173 19.89 -21.94 -5.98
N GLU A 174 19.76 -22.87 -6.92
CA GLU A 174 19.01 -22.59 -8.13
C GLU A 174 17.59 -22.17 -7.77
N GLY A 175 17.08 -21.16 -8.50
CA GLY A 175 15.76 -20.65 -8.21
C GLY A 175 15.75 -19.57 -7.15
N SER A 176 16.90 -19.22 -6.58
CA SER A 176 16.93 -18.15 -5.59
C SER A 176 16.55 -16.81 -6.24
N ILE A 177 15.90 -15.97 -5.47
CA ILE A 177 15.59 -14.61 -5.88
C ILE A 177 16.79 -13.75 -5.52
N VAL A 178 17.16 -12.83 -6.41
CA VAL A 178 18.20 -11.85 -6.11
C VAL A 178 17.59 -10.46 -6.32
N ILE A 179 17.62 -9.64 -5.28
CA ILE A 179 17.19 -8.24 -5.41
C ILE A 179 18.35 -7.43 -6.00
N LEU A 180 18.09 -6.83 -7.15
CA LEU A 180 19.10 -6.11 -7.90
C LEU A 180 18.69 -4.65 -7.97
N HIS A 181 19.64 -3.77 -7.67
CA HIS A 181 19.43 -2.35 -7.87
C HIS A 181 19.73 -2.07 -9.35
N ALA A 182 18.71 -1.61 -10.05
CA ALA A 182 18.83 -1.38 -11.49
C ALA A 182 19.97 -0.39 -11.80
N CYS A 183 19.93 0.77 -11.16
CA CYS A 183 20.99 1.76 -11.29
C CYS A 183 21.02 2.61 -10.02
N ALA A 184 22.10 3.34 -9.82
CA ALA A 184 22.22 4.17 -8.61
C ALA A 184 21.93 3.34 -7.36
N HIS A 185 22.72 2.28 -7.19
CA HIS A 185 22.71 1.51 -5.97
C HIS A 185 22.50 2.41 -4.75
N ASN A 186 21.56 2.01 -3.91
CA ASN A 186 21.24 2.71 -2.69
C ASN A 186 21.61 1.81 -1.53
N PRO A 187 22.50 2.24 -0.62
CA PRO A 187 23.05 3.58 -0.36
C PRO A 187 24.43 3.91 -0.94
N THR A 188 25.08 3.05 -1.73
CA THR A 188 26.49 3.27 -2.01
C THR A 188 26.72 4.24 -3.15
N GLY A 189 25.76 4.36 -4.05
CA GLY A 189 25.96 5.11 -5.27
C GLY A 189 26.81 4.40 -6.28
N MET A 190 27.27 3.20 -5.98
CA MET A 190 28.22 2.51 -6.85
C MET A 190 27.49 1.37 -7.53
N ASP A 191 27.58 1.32 -8.85
CA ASP A 191 26.92 0.35 -9.70
C ASP A 191 27.94 -0.54 -10.41
N PRO A 192 27.57 -1.76 -10.75
CA PRO A 192 28.44 -2.55 -11.63
C PRO A 192 28.64 -1.85 -12.94
N THR A 193 29.81 -2.10 -13.53
CA THR A 193 30.05 -1.73 -14.90
C THR A 193 29.24 -2.64 -15.81
N HIS A 194 29.23 -2.32 -17.11
CA HIS A 194 28.55 -3.19 -18.08
C HIS A 194 29.21 -4.56 -18.09
N GLU A 195 30.54 -4.58 -18.07
CA GLU A 195 31.26 -5.85 -18.06
C GLU A 195 30.88 -6.67 -16.82
N GLN A 196 30.80 -6.00 -15.66
CA GLN A 196 30.41 -6.71 -14.43
C GLN A 196 28.99 -7.25 -14.53
N TRP A 197 28.06 -6.47 -15.11
CA TRP A 197 26.70 -6.98 -15.32
C TRP A 197 26.69 -8.21 -16.21
N ALA A 198 27.58 -8.25 -17.21
CA ALA A 198 27.67 -9.43 -18.05
C ALA A 198 28.11 -10.63 -17.23
N LYS A 199 29.08 -10.45 -16.33
CA LYS A 199 29.51 -11.58 -15.50
C LYS A 199 28.41 -12.01 -14.54
N ILE A 200 27.67 -11.02 -14.03
CA ILE A 200 26.55 -11.31 -13.16
C ILE A 200 25.49 -12.07 -13.91
N LEU A 201 25.17 -11.61 -15.11
CA LEU A 201 24.13 -12.27 -15.89
C LEU A 201 24.49 -13.73 -16.14
N GLU A 202 25.76 -14.01 -16.45
CA GLU A 202 26.17 -15.41 -16.67
C GLU A 202 25.86 -16.28 -15.46
N VAL A 203 26.03 -15.75 -14.25
CA VAL A 203 25.70 -16.52 -13.05
C VAL A 203 24.21 -16.76 -12.99
N PHE A 204 23.40 -15.72 -13.15
CA PHE A 204 21.97 -15.90 -13.14
C PHE A 204 21.56 -16.99 -14.11
N GLN A 205 22.20 -17.04 -15.24
CA GLN A 205 21.80 -17.96 -16.30
C GLN A 205 22.22 -19.38 -15.97
N ALA A 206 23.46 -19.54 -15.51
CA ALA A 206 23.98 -20.86 -15.14
C ALA A 206 23.25 -21.43 -13.93
N ARG A 207 22.92 -20.59 -12.94
CA ARG A 207 22.24 -21.05 -11.72
C ARG A 207 20.74 -20.87 -11.75
N ARG A 208 20.16 -20.36 -12.84
CA ARG A 208 18.70 -20.17 -12.92
C ARG A 208 18.18 -19.44 -11.69
N LEU A 209 18.86 -18.35 -11.40
CA LEU A 209 18.41 -17.39 -10.40
C LEU A 209 17.34 -16.47 -10.99
N ILE A 210 16.55 -15.87 -10.11
CA ILE A 210 15.44 -15.00 -10.48
C ILE A 210 15.82 -13.54 -10.18
N PRO A 211 16.10 -12.74 -11.20
CA PRO A 211 16.28 -11.31 -10.96
C PRO A 211 15.00 -10.68 -10.45
N PHE A 212 15.16 -9.82 -9.43
CA PHE A 212 14.06 -8.98 -8.95
C PHE A 212 14.66 -7.59 -8.94
N PHE A 213 14.42 -6.84 -10.02
CA PHE A 213 15.03 -5.55 -10.20
C PHE A 213 14.25 -4.48 -9.45
N ASP A 214 14.99 -3.63 -8.76
CA ASP A 214 14.44 -2.46 -8.08
C ASP A 214 14.95 -1.22 -8.80
N SER A 215 14.06 -0.50 -9.48
CA SER A 215 14.43 0.66 -10.26
C SER A 215 13.70 1.86 -9.67
N ALA A 216 14.40 2.57 -8.79
CA ALA A 216 13.87 3.77 -8.17
C ALA A 216 14.51 5.04 -8.73
N TYR A 217 15.53 4.90 -9.58
CA TYR A 217 16.37 6.03 -9.97
C TYR A 217 16.63 6.11 -11.46
N GLN A 218 15.81 5.46 -12.30
CA GLN A 218 16.06 5.52 -13.72
C GLN A 218 16.01 6.98 -14.15
N GLY A 219 17.11 7.45 -14.78
CA GLY A 219 17.28 8.84 -15.11
C GLY A 219 18.15 9.62 -14.16
N TYR A 220 18.42 9.11 -12.95
CA TYR A 220 19.30 9.72 -11.96
C TYR A 220 20.77 9.33 -12.14
N ALA A 221 21.04 8.05 -12.30
CA ALA A 221 22.40 7.57 -12.44
C ALA A 221 23.16 8.45 -13.44
N THR A 222 22.89 8.24 -14.73
CA THR A 222 23.63 8.89 -15.80
C THR A 222 22.90 10.07 -16.42
N GLY A 223 21.66 10.36 -16.01
CA GLY A 223 20.83 11.29 -16.74
C GLY A 223 20.29 10.76 -18.06
N SER A 224 20.53 9.49 -18.39
CA SER A 224 20.05 8.86 -19.61
C SER A 224 19.15 7.68 -19.24
N LEU A 225 17.86 7.81 -19.57
CA LEU A 225 16.90 6.76 -19.25
C LEU A 225 17.32 5.42 -19.85
N ASP A 226 17.76 5.44 -21.11
CA ASP A 226 18.18 4.21 -21.79
C ASP A 226 19.37 3.57 -21.08
N ASN A 227 20.42 4.35 -20.84
CA ASN A 227 21.63 3.78 -20.26
C ASN A 227 21.33 3.30 -18.85
N ASP A 228 20.53 4.08 -18.11
CA ASP A 228 20.13 3.66 -16.76
C ASP A 228 19.37 2.36 -16.78
N ALA A 229 18.64 2.10 -17.85
CA ALA A 229 17.95 0.82 -17.99
C ALA A 229 18.86 -0.31 -18.48
N TYR A 230 20.17 -0.11 -18.60
CA TYR A 230 21.01 -1.14 -19.22
C TYR A 230 20.79 -2.50 -18.58
N SER A 231 20.79 -2.55 -17.25
CA SER A 231 20.80 -3.85 -16.58
C SER A 231 19.45 -4.56 -16.73
N ILE A 232 18.36 -3.81 -16.59
CA ILE A 232 17.07 -4.40 -16.81
C ILE A 232 17.02 -4.99 -18.22
N ARG A 233 17.45 -4.19 -19.20
CA ARG A 233 17.29 -4.59 -20.59
C ARG A 233 18.26 -5.68 -20.95
N LEU A 234 19.43 -5.71 -20.31
CA LEU A 234 20.36 -6.79 -20.59
C LEU A 234 19.73 -8.14 -20.25
N PHE A 235 19.18 -8.24 -19.03
CA PHE A 235 18.60 -9.50 -18.57
C PHE A 235 17.34 -9.84 -19.36
N ALA A 236 16.44 -8.86 -19.50
CA ALA A 236 15.23 -9.10 -20.28
C ALA A 236 15.59 -9.54 -21.68
N ARG A 237 16.39 -8.75 -22.38
CA ARG A 237 16.70 -9.05 -23.78
C ARG A 237 17.35 -10.42 -23.96
N GLN A 238 18.18 -10.86 -23.01
CA GLN A 238 18.82 -12.18 -23.10
C GLN A 238 17.93 -13.32 -22.65
N GLY A 239 16.66 -13.05 -22.36
CA GLY A 239 15.69 -14.10 -22.12
C GLY A 239 15.49 -14.47 -20.67
N MET A 240 16.06 -13.73 -19.73
CA MET A 240 15.77 -13.96 -18.31
C MET A 240 14.30 -13.67 -18.01
N GLU A 241 13.67 -14.54 -17.23
CA GLU A 241 12.42 -14.20 -16.60
C GLU A 241 12.74 -13.48 -15.31
N MET A 242 11.86 -12.55 -14.91
CA MET A 242 12.26 -11.62 -13.87
C MET A 242 11.06 -10.77 -13.43
N LEU A 243 11.27 -10.10 -12.32
CA LEU A 243 10.39 -9.09 -11.77
C LEU A 243 11.08 -7.73 -11.72
N LEU A 244 10.28 -6.69 -11.86
CA LEU A 244 10.76 -5.32 -11.79
C LEU A 244 9.77 -4.49 -10.99
N ALA A 245 10.25 -3.73 -10.02
CA ALA A 245 9.46 -2.72 -9.34
C ALA A 245 10.04 -1.36 -9.76
N GLN A 246 9.18 -0.52 -10.31
CA GLN A 246 9.53 0.83 -10.72
C GLN A 246 8.90 1.85 -9.79
N SER A 247 9.69 2.82 -9.37
CA SER A 247 9.18 3.99 -8.67
C SER A 247 9.32 5.25 -9.52
N TYR A 248 8.37 6.17 -9.32
CA TYR A 248 8.43 7.52 -9.86
C TYR A 248 8.51 8.54 -8.74
N SER A 249 8.79 8.09 -7.52
CA SER A 249 8.74 9.00 -6.39
C SER A 249 9.98 9.84 -6.47
N LYS A 250 11.04 9.30 -7.05
CA LYS A 250 12.33 10.02 -7.02
C LYS A 250 12.65 10.63 -8.34
N ASN A 251 12.39 9.95 -9.44
CA ASN A 251 12.84 10.51 -10.69
C ASN A 251 11.78 11.49 -11.21
N MET A 252 10.60 11.51 -10.61
CA MET A 252 9.61 12.53 -10.92
C MET A 252 9.15 13.37 -9.74
N GLY A 253 9.46 13.01 -8.52
CA GLY A 253 9.01 13.78 -7.39
C GLY A 253 7.57 13.55 -7.03
N LEU A 254 7.03 12.38 -7.33
CA LEU A 254 5.59 12.09 -7.18
C LEU A 254 5.31 11.26 -5.95
N TYR A 255 6.00 11.53 -4.84
CA TYR A 255 5.86 10.63 -3.71
C TYR A 255 4.40 10.54 -3.21
N ALA A 256 3.77 11.71 -2.99
CA ALA A 256 2.41 11.79 -2.46
C ALA A 256 1.38 11.06 -3.33
N GLU A 257 1.63 10.96 -4.64
CA GLU A 257 0.68 10.29 -5.52
C GLU A 257 0.97 8.81 -5.73
N ARG A 258 2.07 8.31 -5.18
CA ARG A 258 2.27 6.88 -5.01
C ARG A 258 2.21 6.16 -6.35
N VAL A 259 3.14 6.56 -7.21
CA VAL A 259 3.21 6.09 -8.58
C VAL A 259 4.29 5.00 -8.73
N GLY A 260 3.87 3.79 -9.11
CA GLY A 260 4.83 2.78 -9.51
C GLY A 260 4.21 1.67 -10.33
N VAL A 261 5.06 0.80 -10.85
CA VAL A 261 4.66 -0.38 -11.60
C VAL A 261 5.47 -1.56 -11.12
N CYS A 262 4.78 -2.67 -10.84
CA CYS A 262 5.39 -4.00 -10.72
C CYS A 262 5.12 -4.74 -12.01
N SER A 263 6.18 -5.30 -12.59
CA SER A 263 6.05 -6.02 -13.84
C SER A 263 6.78 -7.35 -13.77
N ILE A 264 6.27 -8.26 -14.59
CA ILE A 264 6.80 -9.62 -14.69
C ILE A 264 7.17 -9.84 -16.14
N VAL A 265 8.34 -10.43 -16.36
CA VAL A 265 8.78 -10.87 -17.67
C VAL A 265 8.56 -12.37 -17.74
N THR A 266 7.77 -12.83 -18.71
CA THR A 266 7.60 -14.26 -18.96
C THR A 266 8.26 -14.69 -20.26
N ALA A 267 8.92 -15.85 -20.23
CA ALA A 267 9.42 -16.49 -21.44
C ALA A 267 8.31 -17.11 -22.28
N ASN A 268 7.17 -17.42 -21.67
CA ASN A 268 6.03 -17.95 -22.40
C ASN A 268 4.92 -16.91 -22.44
N PRO A 269 4.59 -16.33 -23.59
CA PRO A 269 3.54 -15.31 -23.59
C PRO A 269 2.17 -15.87 -23.32
N LYS A 270 1.97 -17.17 -23.51
CA LYS A 270 0.68 -17.75 -23.19
C LYS A 270 0.45 -17.77 -21.67
N LYS A 271 1.49 -17.70 -20.86
CA LYS A 271 1.27 -17.59 -19.43
C LYS A 271 0.89 -16.17 -18.98
N ALA A 272 0.89 -15.19 -19.88
CA ALA A 272 0.72 -13.81 -19.43
C ALA A 272 -0.63 -13.56 -18.77
N PRO A 273 -1.76 -14.04 -19.32
CA PRO A 273 -3.05 -13.78 -18.64
C PRO A 273 -3.10 -14.37 -17.24
N LEU A 274 -2.42 -15.49 -17.01
CA LEU A 274 -2.44 -16.09 -15.69
C LEU A 274 -1.61 -15.25 -14.73
N ILE A 275 -0.50 -14.70 -15.21
CA ILE A 275 0.33 -13.84 -14.38
C ILE A 275 -0.47 -12.62 -14.02
N LYS A 276 -1.16 -12.07 -15.01
CA LYS A 276 -1.86 -10.81 -14.81
C LYS A 276 -2.95 -10.99 -13.77
N SER A 277 -3.71 -12.09 -13.83
CA SER A 277 -4.75 -12.33 -12.82
C SER A 277 -4.15 -12.55 -11.44
N GLN A 278 -3.05 -13.29 -11.37
CA GLN A 278 -2.41 -13.47 -10.08
C GLN A 278 -1.94 -12.12 -9.52
N LEU A 279 -1.39 -11.27 -10.37
CA LEU A 279 -0.95 -9.97 -9.88
C LEU A 279 -2.14 -9.11 -9.43
N GLU A 280 -3.25 -9.21 -10.16
CA GLU A 280 -4.45 -8.43 -9.83
C GLU A 280 -5.02 -8.81 -8.48
N THR A 281 -5.02 -10.08 -8.09
CA THR A 281 -5.49 -10.37 -6.74
C THR A 281 -4.49 -9.91 -5.70
N ILE A 282 -3.22 -9.79 -6.08
CA ILE A 282 -2.24 -9.31 -5.13
C ILE A 282 -2.42 -7.82 -4.91
N VAL A 283 -2.70 -7.05 -5.96
CA VAL A 283 -2.80 -5.61 -5.74
C VAL A 283 -3.97 -5.31 -4.82
N ARG A 284 -4.97 -6.20 -4.80
CA ARG A 284 -6.10 -6.03 -3.91
C ARG A 284 -5.69 -6.03 -2.45
N SER A 285 -4.53 -6.57 -2.12
CA SER A 285 -4.03 -6.45 -0.74
C SER A 285 -3.38 -5.11 -0.49
N GLN A 286 -3.27 -4.27 -1.51
CA GLN A 286 -2.58 -3.01 -1.43
C GLN A 286 -3.51 -1.82 -1.60
N TYR A 287 -4.45 -1.90 -2.54
CA TYR A 287 -5.40 -0.82 -2.78
C TYR A 287 -6.68 -1.45 -3.28
N SER A 288 -7.80 -0.86 -2.89
CA SER A 288 -9.09 -1.31 -3.37
C SER A 288 -9.43 -0.71 -4.72
N THR A 289 -8.82 0.41 -5.07
CA THR A 289 -9.06 1.05 -6.36
C THR A 289 -7.69 1.57 -6.78
N PRO A 290 -7.27 1.41 -8.03
CA PRO A 290 -5.93 1.83 -8.38
C PRO A 290 -5.80 3.34 -8.28
N PRO A 291 -4.69 3.84 -7.72
CA PRO A 291 -4.48 5.30 -7.65
C PRO A 291 -4.35 5.90 -9.04
N ALA A 292 -5.45 6.39 -9.59
CA ALA A 292 -5.42 6.83 -10.97
C ALA A 292 -4.69 8.15 -11.15
N HIS A 293 -4.75 9.06 -10.16
CA HIS A 293 -4.33 10.42 -10.46
C HIS A 293 -2.83 10.48 -10.75
N GLY A 294 -2.02 9.84 -9.89
CA GLY A 294 -0.58 9.85 -10.10
C GLY A 294 -0.19 9.16 -11.39
N ALA A 295 -0.92 8.10 -11.76
CA ALA A 295 -0.66 7.41 -13.02
C ALA A 295 -0.94 8.34 -14.20
N ARG A 296 -2.07 9.04 -14.17
CA ARG A 296 -2.36 10.00 -15.24
C ARG A 296 -1.29 11.09 -15.33
N VAL A 297 -0.75 11.54 -14.20
CA VAL A 297 0.30 12.57 -14.24
C VAL A 297 1.57 12.02 -14.89
N ALA A 298 2.03 10.89 -14.39
CA ALA A 298 3.20 10.26 -14.97
C ALA A 298 2.98 9.91 -16.42
N TYR A 299 1.81 9.34 -16.75
CA TYR A 299 1.52 9.05 -18.14
C TYR A 299 1.76 10.27 -19.00
N LEU A 300 1.32 11.43 -18.55
CA LEU A 300 1.51 12.65 -19.33
C LEU A 300 2.99 13.05 -19.41
N VAL A 301 3.75 12.93 -18.32
CA VAL A 301 5.16 13.29 -18.43
C VAL A 301 5.85 12.35 -19.40
N LEU A 302 5.50 11.05 -19.32
CA LEU A 302 6.12 10.04 -20.19
C LEU A 302 5.74 10.21 -21.66
N SER A 303 4.46 10.50 -21.95
CA SER A 303 3.90 10.36 -23.30
C SER A 303 3.97 11.64 -24.12
N ASP A 304 3.73 12.77 -23.48
CA ASP A 304 3.74 14.06 -24.15
C ASP A 304 5.17 14.39 -24.61
N PRO A 305 5.42 14.56 -25.91
CA PRO A 305 6.80 14.83 -26.34
C PRO A 305 7.45 16.03 -25.63
N GLU A 306 6.70 17.11 -25.40
CA GLU A 306 7.31 18.32 -24.83
C GLU A 306 7.57 18.15 -23.34
N LEU A 307 6.61 17.58 -22.63
CA LEU A 307 6.85 17.26 -21.23
C LEU A 307 7.96 16.23 -21.10
N ARG A 308 7.90 15.18 -21.89
CA ARG A 308 8.93 14.14 -21.84
C ARG A 308 10.30 14.72 -22.09
N ALA A 309 10.42 15.63 -23.06
CA ALA A 309 11.71 16.25 -23.36
C ALA A 309 12.19 17.08 -22.19
N GLY A 310 11.30 17.87 -21.59
CA GLY A 310 11.66 18.71 -20.47
C GLY A 310 12.04 17.91 -19.23
N TRP A 311 11.46 16.71 -19.07
CA TRP A 311 11.78 15.89 -17.91
C TRP A 311 13.15 15.23 -18.08
N GLU A 312 13.39 14.66 -19.27
CA GLU A 312 14.68 14.08 -19.58
C GLU A 312 15.79 15.11 -19.36
N GLN A 313 15.50 16.37 -19.69
CA GLN A 313 16.50 17.42 -19.62
C GLN A 313 16.77 17.82 -18.17
N GLU A 314 15.71 17.97 -17.37
CA GLU A 314 15.90 18.27 -15.96
C GLU A 314 16.67 17.13 -15.27
N LEU A 315 16.44 15.89 -15.69
CA LEU A 315 17.17 14.75 -15.15
C LEU A 315 18.64 14.83 -15.53
N ARG A 316 18.91 15.14 -16.79
CA ARG A 316 20.29 15.31 -17.25
C ARG A 316 20.98 16.42 -16.48
N VAL A 317 20.27 17.52 -16.21
CA VAL A 317 20.81 18.62 -15.43
C VAL A 317 21.19 18.16 -14.02
N MET A 318 20.29 17.43 -13.36
CA MET A 318 20.58 17.00 -11.99
C MET A 318 21.82 16.12 -11.95
N SER A 319 21.96 15.17 -12.89
CA SER A 319 23.06 14.21 -12.81
C SER A 319 24.42 14.86 -13.08
N THR A 320 24.48 15.86 -13.98
CA THR A 320 25.74 16.61 -14.19
C THR A 320 26.07 17.48 -12.99
N ARG A 321 25.05 18.07 -12.39
CA ARG A 321 25.26 18.86 -11.19
C ARG A 321 25.87 17.99 -10.11
N VAL A 322 25.26 16.84 -9.83
CA VAL A 322 25.77 16.01 -8.73
C VAL A 322 27.17 15.53 -9.07
N LEU A 323 27.43 15.24 -10.35
CA LEU A 323 28.78 14.83 -10.72
C LEU A 323 29.78 15.94 -10.47
N GLU A 324 29.37 17.16 -10.81
CA GLU A 324 30.16 18.36 -10.53
C GLU A 324 30.52 18.46 -9.05
N MET A 325 29.52 18.27 -8.17
CA MET A 325 29.78 18.36 -6.73
C MET A 325 30.73 17.26 -6.29
N ARG A 326 30.49 16.02 -6.73
CA ARG A 326 31.41 14.95 -6.47
C ARG A 326 32.80 15.30 -6.96
N GLN A 327 32.89 15.88 -8.16
CA GLN A 327 34.19 16.26 -8.70
C GLN A 327 34.88 17.28 -7.80
N ALA A 328 34.13 18.29 -7.33
CA ALA A 328 34.69 19.26 -6.41
C ALA A 328 35.15 18.59 -5.11
N LEU A 329 34.34 17.69 -4.58
CA LEU A 329 34.72 16.98 -3.36
C LEU A 329 36.06 16.26 -3.55
N TYR A 330 36.12 15.35 -4.53
CA TYR A 330 37.37 14.69 -4.90
C TYR A 330 38.50 15.69 -5.15
N ASP A 331 38.22 16.78 -5.86
CA ASP A 331 39.30 17.72 -6.15
C ASP A 331 39.83 18.32 -4.85
N GLY A 332 38.94 18.63 -3.92
CA GLY A 332 39.37 19.18 -2.66
C GLY A 332 40.18 18.20 -1.85
N LEU A 333 39.83 16.92 -1.92
CA LEU A 333 40.53 15.91 -1.16
C LEU A 333 41.89 15.60 -1.76
N LYS A 334 42.03 15.67 -3.08
CA LYS A 334 43.34 15.49 -3.69
C LYS A 334 44.25 16.67 -3.35
N ARG A 335 43.69 17.88 -3.38
CA ARG A 335 44.50 19.06 -3.10
C ARG A 335 45.03 19.05 -1.67
N LEU A 336 44.23 18.57 -0.71
CA LEU A 336 44.67 18.49 0.68
C LEU A 336 45.52 17.26 0.97
N GLY A 337 45.68 16.36 0.02
CA GLY A 337 46.47 15.17 0.25
C GLY A 337 45.82 14.22 1.21
N THR A 338 44.52 14.31 1.37
CA THR A 338 43.80 13.51 2.35
C THR A 338 44.15 12.03 2.17
N PRO A 339 44.53 11.32 3.24
CA PRO A 339 44.89 9.91 3.11
C PRO A 339 43.73 9.03 2.64
N GLY A 340 44.08 8.03 1.84
CA GLY A 340 43.14 7.05 1.34
C GLY A 340 42.87 7.24 -0.15
N SER A 341 42.13 6.30 -0.72
CA SER A 341 41.64 6.43 -2.08
C SER A 341 40.31 7.19 -2.07
N TRP A 342 40.18 8.18 -2.96
CA TRP A 342 38.97 8.97 -3.11
C TRP A 342 38.35 8.81 -4.51
N GLU A 343 38.87 7.89 -5.32
CA GLU A 343 38.37 7.67 -6.67
C GLU A 343 36.88 7.31 -6.64
N HIS A 344 36.46 6.55 -5.63
CA HIS A 344 35.06 6.16 -5.51
C HIS A 344 34.12 7.35 -5.50
N ILE A 345 34.60 8.53 -5.09
CA ILE A 345 33.70 9.66 -5.01
C ILE A 345 33.20 10.06 -6.39
N ILE A 346 34.08 9.99 -7.40
CA ILE A 346 33.67 10.36 -8.76
C ILE A 346 33.26 9.14 -9.60
N GLN A 347 33.26 7.94 -9.04
CA GLN A 347 32.68 6.78 -9.68
C GLN A 347 31.24 6.54 -9.23
N GLN A 348 30.80 7.24 -8.21
CA GLN A 348 29.47 7.12 -7.68
C GLN A 348 28.49 7.93 -8.49
N VAL A 349 27.22 7.52 -8.44
CA VAL A 349 26.14 8.18 -9.18
C VAL A 349 24.90 8.23 -8.32
N GLY A 350 23.93 8.99 -8.80
CA GLY A 350 22.70 9.14 -8.09
C GLY A 350 22.89 10.13 -6.95
N MET A 351 21.92 10.13 -6.05
CA MET A 351 21.94 11.17 -5.01
C MET A 351 22.68 10.72 -3.76
N PHE A 352 22.78 9.42 -3.49
CA PHE A 352 23.51 8.93 -2.33
C PHE A 352 24.89 8.45 -2.73
N SER A 353 25.84 8.73 -1.87
CA SER A 353 27.20 8.25 -1.97
C SER A 353 27.60 7.72 -0.60
N TYR A 354 28.36 6.62 -0.59
CA TYR A 354 29.07 6.16 0.60
C TYR A 354 30.38 6.90 0.61
N LEU A 355 30.58 7.75 1.61
CA LEU A 355 31.78 8.58 1.61
C LEU A 355 33.07 7.77 1.84
N GLY A 356 32.97 6.60 2.47
CA GLY A 356 34.12 5.74 2.68
C GLY A 356 34.70 5.87 4.06
N LEU A 357 33.94 6.44 4.99
CA LEU A 357 34.37 6.71 6.34
C LEU A 357 33.91 5.60 7.28
N THR A 358 34.60 5.55 8.40
CA THR A 358 34.26 4.63 9.46
C THR A 358 33.11 5.20 10.25
N LYS A 359 32.46 4.33 11.02
CA LYS A 359 31.45 4.79 11.95
C LYS A 359 32.01 5.94 12.81
N ALA A 360 33.23 5.78 13.33
CA ALA A 360 33.76 6.79 14.25
C ALA A 360 33.97 8.11 13.52
N GLN A 361 34.48 8.06 12.29
CA GLN A 361 34.69 9.29 11.53
C GLN A 361 33.36 10.00 11.27
N CYS A 362 32.30 9.22 10.98
CA CYS A 362 30.98 9.83 10.79
C CYS A 362 30.47 10.45 12.07
N GLU A 363 30.67 9.78 13.22
CA GLU A 363 30.28 10.37 14.49
C GLU A 363 30.96 11.71 14.72
N LYS A 364 32.23 11.84 14.34
CA LYS A 364 32.86 13.13 14.57
C LYS A 364 32.36 14.18 13.59
N LEU A 365 32.06 13.79 12.35
CA LEU A 365 31.51 14.76 11.40
C LEU A 365 30.25 15.40 11.95
N ILE A 366 29.42 14.63 12.65
CA ILE A 366 28.15 15.16 13.15
C ILE A 366 28.36 16.18 14.26
N GLU A 367 29.54 16.21 14.88
CA GLU A 367 29.88 17.29 15.80
C GLU A 367 30.43 18.52 15.09
N ARG A 368 30.85 18.38 13.83
CA ARG A 368 31.09 19.54 12.98
C ARG A 368 29.80 20.09 12.42
N ARG A 369 28.66 19.52 12.81
CA ARG A 369 27.38 19.81 12.15
C ARG A 369 27.50 19.60 10.65
N VAL A 370 28.19 18.52 10.28
CA VAL A 370 28.20 17.97 8.93
C VAL A 370 27.49 16.64 9.05
N PHE A 371 26.22 16.57 8.68
CA PHE A 371 25.40 15.42 9.07
C PHE A 371 25.32 14.40 7.94
N VAL A 372 25.98 13.26 8.16
CA VAL A 372 25.78 12.05 7.38
C VAL A 372 25.28 10.96 8.31
N LEU A 373 24.78 9.88 7.71
CA LEU A 373 24.47 8.67 8.47
C LEU A 373 25.74 7.98 8.92
N PRO A 374 25.68 7.22 10.01
CA PRO A 374 26.90 6.60 10.56
C PRO A 374 27.53 5.58 9.62
N SER A 375 26.79 5.11 8.60
CA SER A 375 27.31 4.26 7.53
C SER A 375 28.19 5.01 6.53
N GLY A 376 28.20 6.35 6.58
CA GLY A 376 28.89 7.16 5.60
C GLY A 376 28.01 7.58 4.41
N ARG A 377 26.71 7.26 4.45
CA ARG A 377 25.78 7.68 3.42
C ARG A 377 25.56 9.18 3.47
N ALA A 378 25.85 9.85 2.37
CA ALA A 378 25.60 11.27 2.22
C ALA A 378 24.67 11.49 1.05
N ASN A 379 23.64 12.31 1.26
CA ASN A 379 22.85 12.84 0.15
C ASN A 379 23.65 13.95 -0.53
N MET A 380 24.18 13.64 -1.72
CA MET A 380 25.10 14.52 -2.43
C MET A 380 24.40 15.51 -3.36
N ALA A 381 23.16 15.23 -3.76
CA ALA A 381 22.33 16.29 -4.32
C ALA A 381 22.11 17.34 -3.23
N GLY A 382 21.93 18.58 -3.66
CA GLY A 382 21.82 19.69 -2.73
C GLY A 382 23.14 20.31 -2.28
N LEU A 383 24.27 19.62 -2.43
CA LEU A 383 25.54 20.27 -2.15
C LEU A 383 25.72 21.51 -3.02
N THR A 384 26.31 22.54 -2.42
CA THR A 384 26.70 23.75 -3.12
C THR A 384 28.22 23.88 -3.04
N LYS A 385 28.78 24.78 -3.84
CA LYS A 385 30.22 24.99 -3.80
C LYS A 385 30.69 25.34 -2.38
N ARG A 386 29.84 26.02 -1.62
CA ARG A 386 30.16 26.30 -0.22
C ARG A 386 30.09 25.05 0.64
N SER A 387 29.13 24.17 0.41
CA SER A 387 28.95 23.04 1.33
C SER A 387 29.92 21.91 1.02
N VAL A 388 30.29 21.78 -0.26
CA VAL A 388 31.24 20.76 -0.64
C VAL A 388 32.61 21.10 -0.08
N GLU A 389 32.93 22.39 0.03
CA GLU A 389 34.20 22.77 0.62
C GLU A 389 34.21 22.55 2.13
N LEU A 390 33.07 22.75 2.79
CA LEU A 390 32.94 22.33 4.19
C LEU A 390 33.06 20.82 4.30
N LEU A 391 32.58 20.11 3.31
CA LEU A 391 32.67 18.66 3.42
C LEU A 391 34.09 18.20 3.13
N VAL A 392 34.79 18.87 2.21
CA VAL A 392 36.21 18.59 1.97
C VAL A 392 36.98 18.70 3.27
N LYS A 393 36.92 19.87 3.91
CA LYS A 393 37.64 20.09 5.15
C LYS A 393 37.21 19.12 6.24
N GLY A 394 35.91 18.83 6.33
CA GLY A 394 35.43 17.93 7.37
C GLY A 394 35.96 16.51 7.21
N ILE A 395 35.80 15.93 6.02
CA ILE A 395 36.36 14.60 5.77
C ILE A 395 37.86 14.60 6.01
N ASP A 396 38.57 15.60 5.48
CA ASP A 396 40.02 15.62 5.66
C ASP A 396 40.39 15.64 7.15
N GLU A 397 39.65 16.38 7.97
CA GLU A 397 39.92 16.41 9.40
C GLU A 397 39.67 15.05 10.05
N VAL A 398 38.50 14.43 9.80
CA VAL A 398 38.17 13.23 10.57
C VAL A 398 39.01 12.05 10.11
N VAL A 399 39.41 12.02 8.84
CA VAL A 399 40.28 10.94 8.36
C VAL A 399 41.62 10.98 9.06
N ARG A 400 42.12 12.19 9.33
CA ARG A 400 43.46 12.33 9.88
C ARG A 400 43.49 12.21 11.40
N THR A 401 42.39 12.48 12.10
CA THR A 401 42.38 12.54 13.57
C THR A 401 41.59 11.43 14.23
N VAL A 402 40.83 10.65 13.47
CA VAL A 402 40.03 9.56 14.01
C VAL A 402 40.49 8.28 13.30
N CYS B 5 10.14 -22.25 -17.85
CA CYS B 5 9.29 -21.09 -17.55
C CYS B 5 8.84 -21.15 -16.09
N LEU B 6 9.33 -20.19 -15.30
CA LEU B 6 8.99 -20.13 -13.88
C LEU B 6 7.50 -20.06 -13.67
N TRP B 7 6.79 -19.45 -14.61
CA TRP B 7 5.37 -19.16 -14.44
C TRP B 7 4.49 -20.22 -15.08
N ASN B 8 4.96 -21.47 -15.13
CA ASN B 8 4.26 -22.50 -15.88
C ASN B 8 2.99 -22.95 -15.18
N ASN B 9 3.05 -23.10 -13.86
CA ASN B 9 1.95 -23.65 -13.09
C ASN B 9 1.20 -22.60 -12.29
N ILE B 10 1.18 -21.36 -12.78
CA ILE B 10 0.44 -20.30 -12.08
C ILE B 10 -1.04 -20.63 -12.15
N ALA B 11 -1.67 -20.68 -10.97
CA ALA B 11 -3.06 -21.10 -10.88
C ALA B 11 -3.96 -20.14 -11.66
N ALA B 12 -4.85 -20.70 -12.48
CA ALA B 12 -5.89 -19.91 -13.11
C ALA B 12 -6.83 -19.36 -12.04
N LEU B 13 -7.38 -18.17 -12.29
CA LEU B 13 -8.25 -17.53 -11.33
C LEU B 13 -9.52 -17.01 -12.00
N PRO B 14 -10.62 -16.89 -11.25
CA PRO B 14 -11.84 -16.35 -11.83
C PRO B 14 -11.69 -14.88 -12.23
N ALA B 15 -12.43 -14.48 -13.26
CA ALA B 15 -12.46 -13.10 -13.70
C ALA B 15 -13.08 -12.19 -12.64
N ASP B 16 -12.68 -10.91 -12.67
CA ASP B 16 -13.26 -9.86 -11.85
C ASP B 16 -14.79 -9.91 -11.97
N PRO B 17 -15.52 -10.20 -10.89
CA PRO B 17 -16.98 -10.31 -10.97
C PRO B 17 -17.73 -8.99 -11.04
N ILE B 18 -17.05 -7.85 -10.91
CA ILE B 18 -17.68 -6.54 -10.91
C ILE B 18 -17.29 -5.71 -12.13
N PHE B 19 -16.06 -5.82 -12.61
CA PHE B 19 -15.55 -4.83 -13.54
C PHE B 19 -16.34 -4.86 -14.84
N SER B 20 -16.45 -6.02 -15.45
CA SER B 20 -17.19 -6.15 -16.70
C SER B 20 -18.64 -5.73 -16.53
N ALA B 21 -19.29 -6.23 -15.46
CA ALA B 21 -20.69 -5.91 -15.24
C ALA B 21 -20.89 -4.42 -15.01
N SER B 22 -19.97 -3.80 -14.26
CA SER B 22 -20.05 -2.37 -14.08
C SER B 22 -19.94 -1.61 -15.41
N LEU B 23 -19.12 -2.08 -16.34
CA LEU B 23 -19.04 -1.45 -17.65
C LEU B 23 -20.37 -1.54 -18.39
N VAL B 24 -20.99 -2.73 -18.36
CA VAL B 24 -22.31 -2.92 -18.98
C VAL B 24 -23.27 -1.88 -18.44
N ALA B 25 -23.23 -1.64 -17.12
CA ALA B 25 -24.14 -0.68 -16.48
C ALA B 25 -23.85 0.73 -16.94
N LYS B 26 -22.57 1.13 -16.94
CA LYS B 26 -22.21 2.49 -17.35
C LYS B 26 -22.47 2.75 -18.83
N LYS B 27 -22.29 1.73 -19.69
CA LYS B 27 -22.49 1.89 -21.13
C LYS B 27 -23.96 1.76 -21.57
N ALA B 28 -24.88 1.44 -20.67
CA ALA B 28 -26.24 1.22 -21.12
C ALA B 28 -27.00 2.53 -21.27
N PRO B 29 -28.02 2.53 -22.12
CA PRO B 29 -28.79 3.76 -22.40
C PRO B 29 -29.48 4.40 -21.20
N GLU B 30 -29.67 5.72 -21.34
CA GLU B 30 -29.85 6.64 -20.21
C GLU B 30 -30.99 6.31 -19.26
N PRO B 31 -32.19 5.85 -19.71
CA PRO B 31 -33.23 5.45 -18.74
C PRO B 31 -32.85 4.12 -18.06
N LYS B 32 -32.19 4.22 -16.90
CA LYS B 32 -31.61 3.04 -16.27
C LYS B 32 -31.40 3.33 -14.79
N ALA B 33 -31.14 2.26 -14.03
CA ALA B 33 -30.74 2.35 -12.62
C ALA B 33 -29.44 1.57 -12.46
N ASP B 34 -28.34 2.30 -12.30
CA ASP B 34 -27.02 1.69 -12.08
C ASP B 34 -26.82 1.55 -10.58
N LEU B 35 -27.02 0.34 -10.09
CA LEU B 35 -26.82 0.02 -8.69
C LEU B 35 -25.50 -0.71 -8.46
N ILE B 36 -24.59 -0.62 -9.42
CA ILE B 36 -23.25 -1.16 -9.22
C ILE B 36 -22.32 -0.03 -8.81
N ILE B 37 -22.15 0.99 -9.63
CA ILE B 37 -21.36 2.18 -9.25
C ILE B 37 -22.26 3.39 -9.06
N GLY B 38 -22.96 3.79 -10.13
CA GLY B 38 -23.86 4.92 -10.04
C GLY B 38 -23.13 6.25 -9.97
N ALA B 39 -23.55 7.06 -9.00
CA ALA B 39 -22.95 8.37 -8.75
C ALA B 39 -21.68 8.32 -7.89
N TYR B 40 -21.36 7.15 -7.33
CA TYR B 40 -20.10 7.00 -6.61
C TYR B 40 -18.92 6.77 -7.57
N ARG B 41 -17.72 6.90 -7.00
CA ARG B 41 -16.52 7.13 -7.80
C ARG B 41 -16.03 5.86 -8.48
N ASP B 42 -16.37 4.72 -7.90
CA ASP B 42 -15.79 3.45 -8.34
C ASP B 42 -16.65 2.32 -7.77
N ALA B 43 -16.19 1.09 -8.04
CA ALA B 43 -16.93 -0.11 -7.70
C ALA B 43 -16.89 -0.41 -6.21
N GLU B 44 -15.89 0.12 -5.50
CA GLU B 44 -15.88 -0.04 -4.07
C GLU B 44 -16.89 0.88 -3.38
N GLY B 45 -17.47 1.84 -4.10
CA GLY B 45 -18.40 2.78 -3.48
C GLY B 45 -17.75 3.94 -2.76
N HIS B 46 -16.52 4.32 -3.14
CA HIS B 46 -15.86 5.50 -2.55
C HIS B 46 -16.56 6.77 -2.98
N PRO B 47 -17.07 7.57 -2.06
CA PRO B 47 -17.71 8.84 -2.44
C PRO B 47 -16.68 9.95 -2.66
N TYR B 48 -17.16 11.03 -3.25
CA TYR B 48 -16.38 12.27 -3.22
C TYR B 48 -16.27 12.76 -1.78
N PRO B 49 -15.32 13.67 -1.51
CA PRO B 49 -15.16 14.15 -0.14
C PRO B 49 -16.43 14.79 0.40
N LEU B 50 -16.73 14.49 1.66
CA LEU B 50 -17.81 15.23 2.31
C LEU B 50 -17.42 16.69 2.41
N ASN B 51 -18.44 17.54 2.66
CA ASN B 51 -18.22 18.98 2.70
C ASN B 51 -17.23 19.37 3.81
N VAL B 52 -17.30 18.70 4.96
CA VAL B 52 -16.42 19.10 6.05
C VAL B 52 -14.97 18.81 5.69
N VAL B 53 -14.74 17.71 4.97
CA VAL B 53 -13.42 17.38 4.43
C VAL B 53 -12.96 18.45 3.46
N ARG B 54 -13.81 18.83 2.51
CA ARG B 54 -13.46 19.95 1.64
C ARG B 54 -13.09 21.18 2.46
N LYS B 55 -13.81 21.45 3.56
CA LYS B 55 -13.52 22.62 4.38
C LYS B 55 -12.25 22.41 5.17
N ALA B 56 -12.00 21.19 5.61
CA ALA B 56 -10.73 20.85 6.24
C ALA B 56 -9.57 21.06 5.29
N GLU B 57 -9.65 20.54 4.06
CA GLU B 57 -8.60 20.81 3.08
C GLU B 57 -8.31 22.30 3.03
N GLN B 58 -9.36 23.10 2.99
CA GLN B 58 -9.21 24.54 2.90
C GLN B 58 -8.55 25.11 4.14
N ARG B 59 -8.97 24.66 5.33
CA ARG B 59 -8.35 25.19 6.53
C ARG B 59 -6.90 24.76 6.66
N LEU B 60 -6.55 23.58 6.15
CA LEU B 60 -5.16 23.15 6.25
C LEU B 60 -4.22 24.11 5.54
N LEU B 61 -4.65 24.66 4.40
CA LEU B 61 -3.84 25.62 3.66
C LEU B 61 -3.66 26.96 4.39
N GLU B 62 -4.35 27.15 5.52
CA GLU B 62 -4.20 28.36 6.33
C GLU B 62 -3.10 28.25 7.42
N LEU B 70 8.27 10.83 10.72
CA LEU B 70 7.36 11.85 11.21
C LEU B 70 6.64 11.49 12.52
N PRO B 71 6.96 10.34 13.16
CA PRO B 71 7.90 9.27 12.79
C PRO B 71 7.26 8.33 11.80
N MET B 72 7.82 7.11 11.73
CA MET B 72 7.38 6.13 10.75
C MET B 72 5.90 5.73 10.91
N SER B 73 5.34 5.82 12.12
CA SER B 73 3.96 5.43 12.38
C SER B 73 2.96 6.47 11.89
N GLY B 74 3.39 7.72 11.73
CA GLY B 74 2.50 8.72 11.20
C GLY B 74 2.19 9.82 12.16
N TYR B 75 1.09 10.50 11.89
CA TYR B 75 0.77 11.79 12.49
C TYR B 75 -0.05 11.50 13.75
N ALA B 76 0.64 11.58 14.89
CA ALA B 76 0.07 11.10 16.14
C ALA B 76 -1.27 11.71 16.48
N PRO B 77 -1.51 13.02 16.33
CA PRO B 77 -2.85 13.53 16.68
C PRO B 77 -3.96 12.88 15.85
N PHE B 78 -3.69 12.52 14.59
CA PHE B 78 -4.69 11.76 13.83
C PHE B 78 -4.94 10.40 14.47
N ILE B 79 -3.87 9.67 14.73
CA ILE B 79 -4.02 8.36 15.36
C ILE B 79 -4.84 8.47 16.63
N GLU B 80 -4.60 9.52 17.43
CA GLU B 80 -5.29 9.67 18.71
C GLU B 80 -6.77 9.90 18.52
N GLU B 81 -7.12 10.78 17.58
CA GLU B 81 -8.54 11.03 17.34
C GLU B 81 -9.20 9.83 16.70
N SER B 82 -8.46 9.09 15.88
CA SER B 82 -9.00 7.89 15.27
C SER B 82 -9.31 6.84 16.31
N LEU B 83 -8.41 6.65 17.27
CA LEU B 83 -8.68 5.71 18.36
C LEU B 83 -9.84 6.18 19.20
N LYS B 84 -9.88 7.48 19.49
CA LYS B 84 -10.93 8.03 20.33
C LYS B 84 -12.30 7.71 19.75
N ILE B 85 -12.47 7.93 18.44
CA ILE B 85 -13.82 7.78 17.86
C ILE B 85 -14.21 6.31 17.81
N ALA B 86 -13.21 5.44 17.65
CA ALA B 86 -13.46 4.02 17.61
C ALA B 86 -13.79 3.50 19.00
N TYR B 87 -12.88 3.69 19.93
CA TYR B 87 -12.98 3.03 21.23
C TYR B 87 -13.70 3.84 22.31
N GLY B 88 -13.68 5.17 22.28
CA GLY B 88 -14.29 5.92 23.37
C GLY B 88 -13.81 5.44 24.74
N ASP B 89 -14.75 5.21 25.65
CA ASP B 89 -14.53 4.85 27.05
C ASP B 89 -14.23 3.36 27.28
N SER B 90 -14.13 2.55 26.23
CA SER B 90 -14.13 1.11 26.40
C SER B 90 -12.77 0.55 26.75
N VAL B 91 -11.70 1.32 26.57
CA VAL B 91 -10.35 0.83 26.84
C VAL B 91 -9.46 2.02 27.16
N ALA B 92 -8.53 1.82 28.08
CA ALA B 92 -7.64 2.92 28.45
C ALA B 92 -6.61 3.17 27.33
N ARG B 93 -6.22 4.44 27.19
CA ARG B 93 -5.33 4.81 26.11
C ARG B 93 -4.03 4.00 26.13
N GLU B 94 -3.54 3.65 27.31
CA GLU B 94 -2.27 2.93 27.43
C GLU B 94 -2.34 1.50 26.91
N ASN B 95 -3.53 0.96 26.67
CA ASN B 95 -3.71 -0.39 26.15
C ASN B 95 -3.86 -0.42 24.63
N VAL B 96 -3.75 0.72 23.96
CA VAL B 96 -3.94 0.85 22.51
C VAL B 96 -2.60 1.20 21.87
N VAL B 97 -2.33 0.57 20.72
CA VAL B 97 -1.21 0.97 19.87
C VAL B 97 -1.76 1.15 18.47
N GLY B 98 -1.50 2.30 17.86
CA GLY B 98 -2.04 2.60 16.54
C GLY B 98 -0.99 3.18 15.63
N ILE B 99 -1.12 2.86 14.34
CA ILE B 99 -0.23 3.38 13.30
C ILE B 99 -1.09 3.72 12.09
N GLN B 100 -0.55 4.56 11.21
CA GLN B 100 -1.25 4.86 9.96
C GLN B 100 -1.10 3.72 8.98
N GLY B 101 -2.16 3.48 8.24
CA GLY B 101 -2.17 2.62 7.09
C GLY B 101 -2.72 3.36 5.89
N LEU B 102 -2.47 2.83 4.69
CA LEU B 102 -2.92 3.44 3.44
C LEU B 102 -4.38 3.04 3.26
N SER B 103 -5.25 3.80 3.89
CA SER B 103 -6.68 3.58 3.72
C SER B 103 -7.07 2.31 4.47
N GLY B 104 -8.30 1.85 4.26
CA GLY B 104 -8.75 0.62 4.89
C GLY B 104 -7.89 -0.57 4.54
N THR B 105 -7.64 -0.75 3.25
CA THR B 105 -6.88 -1.93 2.80
C THR B 105 -5.50 -1.98 3.46
N GLY B 106 -4.79 -0.86 3.44
CA GLY B 106 -3.46 -0.87 3.99
C GLY B 106 -3.49 -1.16 5.47
N SER B 107 -4.44 -0.54 6.18
CA SER B 107 -4.59 -0.77 7.64
C SER B 107 -4.86 -2.24 7.94
N LEU B 108 -5.68 -2.85 7.11
CA LEU B 108 -5.96 -4.28 7.24
C LEU B 108 -4.71 -5.11 7.00
N SER B 109 -3.96 -4.79 5.95
CA SER B 109 -2.73 -5.50 5.66
C SER B 109 -1.73 -5.41 6.80
N ILE B 110 -1.61 -4.24 7.42
CA ILE B 110 -0.68 -4.09 8.52
C ILE B 110 -1.04 -5.04 9.64
N GLY B 111 -2.34 -5.11 9.95
CA GLY B 111 -2.82 -5.98 11.01
C GLY B 111 -2.62 -7.44 10.67
N ALA B 112 -2.95 -7.81 9.42
CA ALA B 112 -2.70 -9.18 8.97
C ALA B 112 -1.20 -9.54 9.06
N CYS B 113 -0.32 -8.67 8.55
CA CYS B 113 1.10 -8.93 8.63
C CYS B 113 1.57 -8.98 10.08
N PHE B 114 0.99 -8.15 10.96
CA PHE B 114 1.36 -8.18 12.38
C PHE B 114 1.00 -9.51 13.02
N LEU B 115 -0.22 -9.95 12.82
CA LEU B 115 -0.65 -11.24 13.34
C LEU B 115 0.18 -12.38 12.77
N ALA B 116 0.48 -12.33 11.47
CA ALA B 116 1.27 -13.37 10.85
C ALA B 116 2.63 -13.40 11.51
N ARG B 117 3.12 -12.23 11.87
CA ARG B 117 4.47 -12.15 12.38
C ARG B 117 4.55 -12.56 13.83
N VAL B 118 3.63 -12.10 14.67
CA VAL B 118 3.79 -12.31 16.10
C VAL B 118 3.03 -13.52 16.62
N LEU B 119 2.11 -14.07 15.85
CA LEU B 119 1.47 -15.31 16.25
C LEU B 119 1.98 -16.40 15.32
N SER B 120 1.30 -16.66 14.21
CA SER B 120 1.80 -17.58 13.20
C SER B 120 1.02 -17.33 11.93
N ARG B 121 1.65 -17.68 10.84
CA ARG B 121 1.08 -17.50 9.53
C ARG B 121 0.03 -18.58 9.26
N ASP B 122 0.05 -19.64 10.06
CA ASP B 122 -0.87 -20.78 10.01
C ASP B 122 -2.07 -20.59 10.93
N THR B 123 -2.13 -19.46 11.61
CA THR B 123 -3.22 -19.16 12.52
C THR B 123 -4.50 -19.11 11.70
N PRO B 124 -5.52 -19.90 12.01
CA PRO B 124 -6.76 -19.82 11.23
C PRO B 124 -7.33 -18.41 11.27
N VAL B 125 -7.84 -17.95 10.14
CA VAL B 125 -8.49 -16.66 10.00
C VAL B 125 -9.89 -16.93 9.49
N TYR B 126 -10.91 -16.57 10.26
CA TYR B 126 -12.29 -16.72 9.84
C TYR B 126 -12.79 -15.44 9.21
N ILE B 127 -13.50 -15.61 8.09
CA ILE B 127 -13.98 -14.55 7.23
C ILE B 127 -15.45 -14.85 6.93
N SER B 128 -16.26 -13.83 7.00
CA SER B 128 -17.69 -14.03 6.85
C SER B 128 -18.05 -14.48 5.45
N ASP B 129 -19.10 -15.30 5.39
CA ASP B 129 -19.63 -15.72 4.11
C ASP B 129 -20.97 -15.02 3.89
N PRO B 130 -21.08 -13.99 3.00
CA PRO B 130 -20.07 -13.36 2.15
C PRO B 130 -19.40 -12.24 2.89
N THR B 131 -18.42 -11.65 2.24
CA THR B 131 -17.64 -10.60 2.85
C THR B 131 -17.19 -9.67 1.74
N TRP B 132 -16.50 -8.63 2.17
CA TRP B 132 -15.78 -7.79 1.29
C TRP B 132 -14.71 -8.64 0.62
N PRO B 133 -14.74 -8.81 -0.70
CA PRO B 133 -13.93 -9.85 -1.33
C PRO B 133 -12.44 -9.74 -1.04
N ASN B 134 -11.92 -8.50 -0.96
CA ASN B 134 -10.50 -8.30 -0.84
C ASN B 134 -9.96 -8.72 0.51
N HIS B 135 -10.82 -9.12 1.47
CA HIS B 135 -10.30 -9.67 2.71
C HIS B 135 -9.37 -10.85 2.44
N TYR B 136 -9.79 -11.74 1.55
CA TYR B 136 -8.99 -12.92 1.20
C TYR B 136 -7.62 -12.53 0.66
N ALA B 137 -7.58 -11.51 -0.19
CA ALA B 137 -6.33 -11.05 -0.77
C ALA B 137 -5.44 -10.39 0.27
N VAL B 138 -6.01 -9.62 1.21
CA VAL B 138 -5.19 -9.05 2.28
C VAL B 138 -4.55 -10.18 3.07
N MET B 139 -5.37 -11.13 3.51
CA MET B 139 -4.87 -12.18 4.39
C MET B 139 -3.81 -13.04 3.69
N ALA B 140 -4.01 -13.33 2.40
CA ALA B 140 -3.07 -14.18 1.67
C ALA B 140 -1.75 -13.44 1.38
N ALA B 141 -1.80 -12.12 1.11
CA ALA B 141 -0.55 -11.36 0.89
C ALA B 141 0.33 -11.38 2.13
N ALA B 142 -0.30 -11.33 3.31
CA ALA B 142 0.39 -11.54 4.59
C ALA B 142 0.75 -13.00 4.78
N ASN B 143 0.27 -13.84 3.88
CA ASN B 143 0.65 -15.23 3.86
C ASN B 143 0.02 -15.96 5.03
N LEU B 144 -1.15 -15.49 5.44
CA LEU B 144 -2.05 -16.32 6.24
C LEU B 144 -2.63 -17.38 5.32
N THR B 145 -2.28 -18.64 5.57
CA THR B 145 -2.55 -19.73 4.63
C THR B 145 -3.77 -20.54 5.02
N ASP B 146 -4.31 -20.32 6.20
CA ASP B 146 -5.43 -21.14 6.66
C ASP B 146 -6.62 -20.19 6.82
N LEU B 147 -7.26 -19.90 5.69
CA LEU B 147 -8.41 -19.01 5.61
C LEU B 147 -9.70 -19.83 5.63
N ARG B 148 -10.65 -19.44 6.49
CA ARG B 148 -11.88 -20.19 6.65
C ARG B 148 -13.10 -19.28 6.63
N LYS B 149 -14.20 -19.80 6.12
CA LYS B 149 -15.46 -19.11 6.19
C LYS B 149 -16.15 -19.33 7.53
N TYR B 150 -16.83 -18.29 8.03
CA TYR B 150 -17.96 -18.51 8.93
C TYR B 150 -19.21 -18.11 8.19
N ARG B 151 -20.23 -18.92 8.36
CA ARG B 151 -21.53 -18.60 7.81
C ARG B 151 -22.02 -17.27 8.33
N TYR B 152 -22.57 -16.46 7.44
CA TYR B 152 -22.96 -15.14 7.89
C TYR B 152 -24.34 -14.77 7.36
N TYR B 153 -24.48 -14.71 6.05
CA TYR B 153 -25.74 -14.39 5.40
C TYR B 153 -26.24 -15.58 4.56
N ASP B 154 -27.51 -15.87 4.70
CA ASP B 154 -28.17 -16.90 3.92
C ASP B 154 -28.98 -16.16 2.87
N ASN B 155 -28.52 -16.19 1.62
CA ASN B 155 -29.12 -15.31 0.62
C ASN B 155 -30.57 -15.69 0.40
N ALA B 156 -30.87 -16.97 0.44
CA ALA B 156 -32.23 -17.39 0.15
C ALA B 156 -33.18 -17.04 1.29
N LYS B 157 -32.68 -17.10 2.55
CA LYS B 157 -33.52 -16.74 3.68
C LYS B 157 -33.54 -15.23 3.93
N ARG B 158 -32.66 -14.45 3.27
CA ARG B 158 -32.65 -13.01 3.38
C ARG B 158 -32.41 -12.58 4.82
N CYS B 159 -31.51 -13.28 5.52
CA CYS B 159 -31.26 -12.92 6.89
C CYS B 159 -29.89 -13.47 7.25
N ILE B 160 -29.38 -12.99 8.38
CA ILE B 160 -28.17 -13.57 8.95
C ILE B 160 -28.47 -14.97 9.45
N ASP B 161 -27.64 -15.92 9.02
CA ASP B 161 -27.70 -17.31 9.44
C ASP B 161 -27.01 -17.37 10.81
N PHE B 162 -27.72 -16.93 11.84
CA PHE B 162 -27.04 -16.70 13.11
C PHE B 162 -26.71 -18.01 13.79
N ASP B 163 -27.53 -19.05 13.59
CA ASP B 163 -27.19 -20.35 14.14
C ASP B 163 -25.95 -20.91 13.47
N GLY B 164 -25.81 -20.74 12.16
CA GLY B 164 -24.62 -21.25 11.49
C GLY B 164 -23.39 -20.43 11.84
N LEU B 165 -23.56 -19.11 11.95
CA LEU B 165 -22.48 -18.23 12.38
C LEU B 165 -21.90 -18.69 13.71
N LEU B 166 -22.76 -18.79 14.74
CA LEU B 166 -22.32 -19.19 16.07
C LEU B 166 -21.74 -20.59 16.05
N GLU B 167 -22.32 -21.48 15.24
CA GLU B 167 -21.77 -22.83 15.12
C GLU B 167 -20.36 -22.81 14.56
N ASP B 168 -20.10 -22.01 13.55
CA ASP B 168 -18.77 -22.02 12.92
C ASP B 168 -17.71 -21.44 13.85
N LEU B 169 -18.06 -20.38 14.57
CA LEU B 169 -17.14 -19.80 15.53
C LEU B 169 -16.92 -20.73 16.73
N ASN B 170 -17.97 -21.41 17.20
CA ASN B 170 -17.75 -22.41 18.25
C ASN B 170 -16.85 -23.56 17.80
N GLY B 171 -16.84 -23.86 16.49
CA GLY B 171 -15.93 -24.82 15.91
C GLY B 171 -14.53 -24.29 15.68
N ALA B 172 -14.31 -23.00 15.89
CA ALA B 172 -13.00 -22.45 15.63
C ALA B 172 -12.04 -22.95 16.72
N PRO B 173 -10.80 -23.27 16.35
CA PRO B 173 -9.76 -23.48 17.36
C PRO B 173 -9.47 -22.21 18.15
N GLU B 174 -9.23 -22.39 19.43
CA GLU B 174 -8.83 -21.30 20.29
C GLU B 174 -7.70 -20.53 19.65
N GLY B 175 -7.68 -19.21 19.90
CA GLY B 175 -6.73 -18.32 19.26
C GLY B 175 -6.95 -18.05 17.79
N SER B 176 -8.03 -18.55 17.21
CA SER B 176 -8.28 -18.27 15.80
C SER B 176 -8.57 -16.79 15.64
N ILE B 177 -8.21 -16.28 14.53
CA ILE B 177 -8.47 -14.87 14.21
C ILE B 177 -9.82 -14.78 13.51
N VAL B 178 -10.60 -13.74 13.78
CA VAL B 178 -11.89 -13.63 13.10
C VAL B 178 -12.00 -12.23 12.55
N ILE B 179 -12.25 -12.11 11.25
CA ILE B 179 -12.43 -10.79 10.65
C ILE B 179 -13.89 -10.37 10.83
N LEU B 180 -14.11 -9.33 11.62
CA LEU B 180 -15.45 -8.83 11.91
C LEU B 180 -15.68 -7.52 11.21
N HIS B 181 -16.80 -7.40 10.50
CA HIS B 181 -17.24 -6.09 10.01
C HIS B 181 -17.86 -5.31 11.16
N ALA B 182 -17.27 -4.16 11.52
CA ALA B 182 -17.72 -3.48 12.72
C ALA B 182 -19.14 -2.99 12.57
N CYS B 183 -19.51 -2.55 11.37
CA CYS B 183 -20.87 -2.11 11.06
C CYS B 183 -20.97 -2.01 9.55
N ALA B 184 -22.22 -1.96 9.08
CA ALA B 184 -22.55 -1.93 7.64
C ALA B 184 -21.81 -3.02 6.88
N HIS B 185 -22.12 -4.24 7.27
CA HIS B 185 -21.53 -5.41 6.65
C HIS B 185 -21.59 -5.28 5.17
N ASN B 186 -20.47 -5.52 4.53
CA ASN B 186 -20.32 -5.39 3.10
C ASN B 186 -20.14 -6.81 2.56
N PRO B 187 -20.97 -7.28 1.60
CA PRO B 187 -21.93 -6.58 0.74
C PRO B 187 -23.40 -6.68 1.14
N THR B 188 -23.73 -7.26 2.28
CA THR B 188 -25.13 -7.56 2.52
C THR B 188 -25.91 -6.42 3.16
N GLY B 189 -25.22 -5.52 3.86
CA GLY B 189 -25.92 -4.51 4.61
C GLY B 189 -26.53 -4.99 5.90
N MET B 190 -26.49 -6.29 6.19
CA MET B 190 -27.15 -6.83 7.38
C MET B 190 -26.15 -7.00 8.50
N ASP B 191 -26.36 -6.31 9.60
CA ASP B 191 -25.51 -6.40 10.76
C ASP B 191 -26.14 -7.23 11.88
N PRO B 192 -25.34 -7.82 12.73
CA PRO B 192 -25.88 -8.41 13.94
C PRO B 192 -26.64 -7.37 14.76
N THR B 193 -27.71 -7.79 15.42
CA THR B 193 -28.26 -6.92 16.44
C THR B 193 -27.26 -6.81 17.62
N HIS B 194 -27.53 -5.89 18.56
CA HIS B 194 -26.75 -5.84 19.79
C HIS B 194 -26.79 -7.16 20.56
N GLU B 195 -27.98 -7.77 20.70
CA GLU B 195 -28.05 -9.07 21.36
C GLU B 195 -27.19 -10.11 20.64
N GLN B 196 -27.23 -10.11 19.31
CA GLN B 196 -26.41 -11.02 18.52
C GLN B 196 -24.92 -10.75 18.71
N TRP B 197 -24.54 -9.46 18.73
CA TRP B 197 -23.14 -9.14 18.95
C TRP B 197 -22.69 -9.70 20.28
N ALA B 198 -23.55 -9.64 21.30
CA ALA B 198 -23.16 -10.19 22.62
C ALA B 198 -23.08 -11.71 22.57
N LYS B 199 -24.01 -12.39 21.86
CA LYS B 199 -23.87 -13.84 21.66
C LYS B 199 -22.61 -14.19 20.88
N ILE B 200 -22.20 -13.33 19.93
CA ILE B 200 -20.93 -13.54 19.22
C ILE B 200 -19.78 -13.35 20.19
N LEU B 201 -19.83 -12.29 21.01
CA LEU B 201 -18.73 -12.03 21.92
C LEU B 201 -18.57 -13.19 22.91
N GLU B 202 -19.68 -13.80 23.33
CA GLU B 202 -19.64 -14.96 24.22
C GLU B 202 -18.71 -16.04 23.68
N VAL B 203 -18.86 -16.36 22.39
CA VAL B 203 -18.01 -17.36 21.77
C VAL B 203 -16.55 -16.89 21.76
N PHE B 204 -16.31 -15.62 21.43
CA PHE B 204 -14.95 -15.10 21.51
C PHE B 204 -14.36 -15.28 22.91
N GLN B 205 -15.13 -14.89 23.92
CA GLN B 205 -14.65 -14.95 25.28
C GLN B 205 -14.41 -16.40 25.72
N ALA B 206 -15.38 -17.30 25.43
CA ALA B 206 -15.23 -18.71 25.78
C ALA B 206 -14.07 -19.39 25.04
N ARG B 207 -13.86 -19.05 23.77
CA ARG B 207 -12.91 -19.77 22.92
C ARG B 207 -11.59 -19.04 22.72
N ARG B 208 -11.38 -17.91 23.38
CA ARG B 208 -10.15 -17.11 23.23
C ARG B 208 -9.87 -16.82 21.74
N LEU B 209 -10.89 -16.38 21.03
CA LEU B 209 -10.69 -15.98 19.64
C LEU B 209 -10.19 -14.55 19.59
N ILE B 210 -9.52 -14.23 18.49
CA ILE B 210 -8.90 -12.92 18.33
C ILE B 210 -9.77 -12.09 17.38
N PRO B 211 -10.45 -11.07 17.88
CA PRO B 211 -11.22 -10.22 16.96
C PRO B 211 -10.28 -9.34 16.18
N PHE B 212 -10.51 -9.29 14.90
CA PHE B 212 -9.84 -8.37 14.00
C PHE B 212 -10.98 -7.60 13.33
N PHE B 213 -11.35 -6.43 13.90
CA PHE B 213 -12.45 -5.61 13.37
C PHE B 213 -12.03 -4.82 12.14
N ASP B 214 -12.93 -4.79 11.17
CA ASP B 214 -12.78 -4.00 9.97
C ASP B 214 -13.86 -2.93 10.02
N SER B 215 -13.46 -1.69 10.20
CA SER B 215 -14.38 -0.56 10.35
C SER B 215 -14.16 0.45 9.21
N ALA B 216 -14.94 0.28 8.16
CA ALA B 216 -14.87 1.12 6.96
C ALA B 216 -16.07 2.05 6.83
N TYR B 217 -17.05 1.93 7.72
CA TYR B 217 -18.30 2.65 7.57
C TYR B 217 -18.76 3.26 8.87
N GLN B 218 -17.83 3.56 9.77
CA GLN B 218 -18.27 4.14 11.05
C GLN B 218 -18.96 5.46 10.80
N GLY B 219 -20.20 5.58 11.29
CA GLY B 219 -21.01 6.76 11.06
C GLY B 219 -21.92 6.67 9.85
N TYR B 220 -21.56 5.83 8.88
CA TYR B 220 -22.40 5.57 7.70
C TYR B 220 -23.63 4.77 8.05
N ALA B 221 -23.44 3.68 8.78
CA ALA B 221 -24.49 2.71 8.99
C ALA B 221 -25.75 3.38 9.51
N THR B 222 -25.62 4.13 10.61
CA THR B 222 -26.75 4.71 11.32
C THR B 222 -26.67 6.21 11.49
N GLY B 223 -25.65 6.87 10.97
CA GLY B 223 -25.52 8.30 11.14
C GLY B 223 -24.98 8.72 12.49
N SER B 224 -24.67 7.77 13.36
CA SER B 224 -24.13 8.05 14.70
C SER B 224 -22.79 7.32 14.84
N LEU B 225 -21.70 8.08 14.95
CA LEU B 225 -20.39 7.48 15.17
C LEU B 225 -20.38 6.58 16.40
N ASP B 226 -20.98 7.04 17.50
CA ASP B 226 -20.97 6.28 18.73
C ASP B 226 -21.76 4.98 18.59
N ASN B 227 -22.96 5.05 18.00
CA ASN B 227 -23.76 3.84 17.84
C ASN B 227 -23.07 2.85 16.89
N ASP B 228 -22.44 3.35 15.85
CA ASP B 228 -21.79 2.43 14.93
C ASP B 228 -20.58 1.75 15.53
N ALA B 229 -19.93 2.36 16.53
CA ALA B 229 -18.84 1.70 17.23
C ALA B 229 -19.31 0.70 18.28
N TYR B 230 -20.62 0.40 18.38
CA TYR B 230 -21.09 -0.50 19.45
C TYR B 230 -20.22 -1.74 19.56
N SER B 231 -20.06 -2.45 18.44
CA SER B 231 -19.46 -3.78 18.47
C SER B 231 -17.98 -3.70 18.83
N ILE B 232 -17.27 -2.68 18.29
CA ILE B 232 -15.86 -2.48 18.68
C ILE B 232 -15.77 -2.26 20.18
N ARG B 233 -16.63 -1.42 20.71
CA ARG B 233 -16.57 -1.07 22.11
C ARG B 233 -17.11 -2.18 23.01
N LEU B 234 -18.12 -2.94 22.57
CA LEU B 234 -18.55 -4.12 23.32
C LEU B 234 -17.38 -5.06 23.57
N PHE B 235 -16.58 -5.32 22.53
CA PHE B 235 -15.45 -6.25 22.68
C PHE B 235 -14.29 -5.62 23.45
N ALA B 236 -13.96 -4.36 23.18
CA ALA B 236 -12.82 -3.72 23.84
C ALA B 236 -13.08 -3.49 25.32
N ARG B 237 -14.31 -3.10 25.69
CA ARG B 237 -14.57 -2.90 27.11
C ARG B 237 -14.53 -4.19 27.91
N GLN B 238 -14.36 -5.34 27.27
CA GLN B 238 -14.14 -6.59 27.97
C GLN B 238 -12.71 -6.75 28.47
N GLY B 239 -11.77 -5.94 27.97
CA GLY B 239 -10.35 -6.10 28.21
C GLY B 239 -9.69 -7.10 27.27
N MET B 240 -10.41 -7.60 26.28
CA MET B 240 -9.80 -8.56 25.39
C MET B 240 -8.90 -7.85 24.36
N GLU B 241 -7.92 -8.59 23.91
CA GLU B 241 -6.95 -8.09 22.96
C GLU B 241 -7.50 -8.31 21.58
N MET B 242 -7.21 -7.38 20.69
CA MET B 242 -7.88 -7.41 19.40
C MET B 242 -7.14 -6.44 18.50
N LEU B 243 -7.54 -6.43 17.26
CA LEU B 243 -7.03 -5.52 16.26
C LEU B 243 -8.20 -4.81 15.60
N LEU B 244 -7.92 -3.64 15.06
CA LEU B 244 -8.91 -2.81 14.39
C LEU B 244 -8.26 -2.12 13.21
N ALA B 245 -8.82 -2.29 12.04
CA ALA B 245 -8.48 -1.50 10.87
C ALA B 245 -9.59 -0.48 10.61
N GLN B 246 -9.23 0.80 10.59
CA GLN B 246 -10.16 1.88 10.30
C GLN B 246 -9.86 2.51 8.95
N SER B 247 -10.90 2.71 8.14
CA SER B 247 -10.80 3.49 6.92
C SER B 247 -11.56 4.81 7.08
N TYR B 248 -11.07 5.84 6.42
CA TYR B 248 -11.79 7.09 6.27
C TYR B 248 -12.19 7.32 4.82
N SER B 249 -12.08 6.29 3.98
CA SER B 249 -12.20 6.50 2.55
C SER B 249 -13.67 6.65 2.25
N LYS B 250 -14.48 5.96 3.05
CA LYS B 250 -15.93 5.94 2.81
C LYS B 250 -16.64 6.93 3.66
N ASN B 251 -16.29 7.13 4.92
CA ASN B 251 -17.10 8.00 5.73
C ASN B 251 -16.62 9.42 5.70
N MET B 252 -15.49 9.67 5.08
CA MET B 252 -15.06 11.01 4.79
C MET B 252 -14.88 11.29 3.31
N GLY B 253 -14.82 10.26 2.48
CA GLY B 253 -14.64 10.48 1.05
C GLY B 253 -13.21 10.83 0.71
N LEU B 254 -12.26 10.31 1.50
CA LEU B 254 -10.84 10.65 1.41
C LEU B 254 -10.01 9.53 0.81
N TYR B 255 -10.57 8.74 -0.10
CA TYR B 255 -9.80 7.63 -0.67
C TYR B 255 -8.52 8.08 -1.34
N ALA B 256 -8.56 9.20 -2.07
CA ALA B 256 -7.37 9.72 -2.75
C ALA B 256 -6.24 10.01 -1.77
N GLU B 257 -6.55 10.16 -0.48
CA GLU B 257 -5.53 10.48 0.51
C GLU B 257 -5.12 9.28 1.35
N ARG B 258 -5.72 8.12 1.15
CA ARG B 258 -5.25 6.86 1.73
C ARG B 258 -5.11 6.95 3.27
N VAL B 259 -6.21 7.33 3.89
CA VAL B 259 -6.31 7.56 5.33
C VAL B 259 -6.91 6.33 6.00
N GLY B 260 -6.15 5.74 6.89
CA GLY B 260 -6.59 4.61 7.69
C GLY B 260 -5.69 4.46 8.89
N VAL B 261 -6.14 3.65 9.84
CA VAL B 261 -5.41 3.38 11.07
C VAL B 261 -5.57 1.91 11.40
N CYS B 262 -4.46 1.23 11.70
CA CYS B 262 -4.50 -0.09 12.31
C CYS B 262 -4.14 0.03 13.78
N SER B 263 -4.99 -0.50 14.66
CA SER B 263 -4.67 -0.46 16.08
C SER B 263 -4.70 -1.88 16.62
N ILE B 264 -3.83 -2.08 17.61
CA ILE B 264 -3.70 -3.31 18.38
C ILE B 264 -4.01 -2.98 19.84
N VAL B 265 -4.84 -3.80 20.45
CA VAL B 265 -5.15 -3.71 21.87
C VAL B 265 -4.32 -4.73 22.62
N THR B 266 -3.59 -4.27 23.64
CA THR B 266 -2.73 -5.11 24.45
C THR B 266 -3.23 -5.03 25.88
N ALA B 267 -3.38 -6.19 26.52
CA ALA B 267 -3.83 -6.27 27.90
C ALA B 267 -2.75 -5.82 28.86
N ASN B 268 -1.50 -5.86 28.41
CA ASN B 268 -0.32 -5.44 29.15
C ASN B 268 0.27 -4.17 28.55
N PRO B 269 0.05 -3.00 29.18
CA PRO B 269 0.59 -1.77 28.60
C PRO B 269 2.08 -1.82 28.38
N LYS B 270 2.82 -2.59 29.17
CA LYS B 270 4.28 -2.63 29.01
C LYS B 270 4.69 -3.19 27.65
N LYS B 271 3.81 -3.95 26.97
CA LYS B 271 4.16 -4.48 25.66
C LYS B 271 3.91 -3.50 24.53
N ALA B 272 3.24 -2.37 24.80
CA ALA B 272 2.95 -1.38 23.76
C ALA B 272 4.20 -0.90 23.02
N PRO B 273 5.30 -0.58 23.69
CA PRO B 273 6.50 -0.19 22.94
C PRO B 273 6.95 -1.24 21.95
N LEU B 274 6.89 -2.51 22.33
CA LEU B 274 7.33 -3.58 21.43
C LEU B 274 6.35 -3.74 20.28
N ILE B 275 5.06 -3.79 20.59
CA ILE B 275 4.05 -3.80 19.56
C ILE B 275 4.29 -2.64 18.59
N LYS B 276 4.50 -1.44 19.12
CA LYS B 276 4.66 -0.29 18.24
C LYS B 276 5.84 -0.47 17.30
N SER B 277 7.00 -0.92 17.82
CA SER B 277 8.17 -1.12 16.97
C SER B 277 7.91 -2.16 15.90
N GLN B 278 7.19 -3.24 16.26
CA GLN B 278 6.85 -4.25 15.27
C GLN B 278 5.97 -3.67 14.17
N LEU B 279 4.96 -2.89 14.55
CA LEU B 279 4.10 -2.30 13.55
C LEU B 279 4.88 -1.38 12.63
N GLU B 280 5.84 -0.62 13.19
CA GLU B 280 6.61 0.32 12.38
C GLU B 280 7.45 -0.42 11.36
N THR B 281 8.06 -1.53 11.74
CA THR B 281 8.73 -2.36 10.75
C THR B 281 7.79 -2.74 9.63
N ILE B 282 6.55 -3.06 9.99
CA ILE B 282 5.59 -3.58 9.03
C ILE B 282 5.13 -2.48 8.10
N VAL B 283 4.88 -1.26 8.63
CA VAL B 283 4.43 -0.23 7.71
C VAL B 283 5.49 0.05 6.66
N ARG B 284 6.77 -0.27 6.96
CA ARG B 284 7.82 -0.03 5.95
C ARG B 284 7.68 -0.91 4.72
N SER B 285 6.96 -2.04 4.82
CA SER B 285 6.55 -2.76 3.60
C SER B 285 5.46 -2.05 2.82
N GLN B 286 4.89 -1.01 3.36
CA GLN B 286 3.72 -0.42 2.77
C GLN B 286 3.98 0.98 2.29
N TYR B 287 4.79 1.74 3.02
CA TYR B 287 5.16 3.07 2.57
C TYR B 287 6.49 3.41 3.21
N SER B 288 7.28 4.15 2.47
CA SER B 288 8.58 4.58 2.96
C SER B 288 8.46 5.86 3.77
N THR B 289 7.36 6.59 3.62
CA THR B 289 7.05 7.76 4.46
C THR B 289 5.54 7.85 4.61
N PRO B 290 5.05 8.17 5.82
CA PRO B 290 3.62 8.02 6.10
C PRO B 290 2.80 9.04 5.29
N PRO B 291 1.54 8.70 4.97
CA PRO B 291 0.69 9.69 4.25
C PRO B 291 0.19 10.83 5.14
N ALA B 292 0.98 11.91 5.25
CA ALA B 292 0.73 12.93 6.25
C ALA B 292 -0.50 13.77 5.93
N HIS B 293 -0.67 14.15 4.67
CA HIS B 293 -1.67 15.16 4.30
C HIS B 293 -3.09 14.73 4.69
N GLY B 294 -3.47 13.49 4.34
CA GLY B 294 -4.79 12.99 4.69
C GLY B 294 -4.98 12.82 6.19
N ALA B 295 -3.91 12.43 6.90
CA ALA B 295 -3.98 12.41 8.35
C ALA B 295 -4.31 13.78 8.89
N ARG B 296 -3.64 14.80 8.36
CA ARG B 296 -3.88 16.16 8.82
C ARG B 296 -5.31 16.58 8.50
N VAL B 297 -5.80 16.22 7.32
CA VAL B 297 -7.19 16.55 6.94
C VAL B 297 -8.17 15.86 7.88
N ALA B 298 -8.06 14.54 7.97
CA ALA B 298 -8.88 13.78 8.90
C ALA B 298 -8.80 14.32 10.31
N TYR B 299 -7.59 14.67 10.76
CA TYR B 299 -7.46 15.16 12.11
C TYR B 299 -8.29 16.41 12.30
N LEU B 300 -8.25 17.32 11.32
CA LEU B 300 -9.04 18.53 11.40
C LEU B 300 -10.53 18.21 11.45
N VAL B 301 -10.99 17.28 10.62
CA VAL B 301 -12.39 16.89 10.65
C VAL B 301 -12.76 16.34 12.01
N LEU B 302 -11.87 15.52 12.58
CA LEU B 302 -12.19 14.85 13.84
C LEU B 302 -12.13 15.78 15.05
N SER B 303 -11.26 16.79 15.06
CA SER B 303 -10.96 17.48 16.31
C SER B 303 -11.54 18.88 16.38
N ASP B 304 -11.70 19.54 15.24
CA ASP B 304 -12.20 20.90 15.19
C ASP B 304 -13.70 20.93 15.47
N PRO B 305 -14.16 21.65 16.51
CA PRO B 305 -15.58 21.61 16.89
C PRO B 305 -16.53 21.82 15.74
N GLU B 306 -16.30 22.86 14.93
CA GLU B 306 -17.22 23.16 13.83
C GLU B 306 -17.18 22.07 12.77
N LEU B 307 -15.99 21.69 12.29
CA LEU B 307 -15.89 20.65 11.26
C LEU B 307 -16.43 19.32 11.75
N ARG B 308 -16.08 18.92 12.97
CA ARG B 308 -16.58 17.68 13.54
C ARG B 308 -18.10 17.64 13.52
N ALA B 309 -18.73 18.73 13.98
CA ALA B 309 -20.19 18.83 14.07
C ALA B 309 -20.84 18.79 12.71
N GLY B 310 -20.23 19.47 11.73
CA GLY B 310 -20.73 19.42 10.36
C GLY B 310 -20.55 18.06 9.73
N TRP B 311 -19.42 17.41 10.01
CA TRP B 311 -19.21 16.04 9.50
C TRP B 311 -20.27 15.11 10.06
N GLU B 312 -20.53 15.21 11.35
CA GLU B 312 -21.53 14.36 11.97
C GLU B 312 -22.92 14.64 11.40
N GLN B 313 -23.23 15.90 11.10
CA GLN B 313 -24.53 16.21 10.50
C GLN B 313 -24.64 15.58 9.09
N GLU B 314 -23.58 15.68 8.29
CA GLU B 314 -23.63 15.10 6.96
C GLU B 314 -23.82 13.60 7.05
N LEU B 315 -23.20 12.97 8.04
CA LEU B 315 -23.34 11.51 8.20
C LEU B 315 -24.77 11.15 8.53
N ARG B 316 -25.38 11.94 9.41
CA ARG B 316 -26.76 11.71 9.80
C ARG B 316 -27.69 11.88 8.60
N VAL B 317 -27.45 12.92 7.79
CA VAL B 317 -28.30 13.17 6.63
C VAL B 317 -28.14 12.03 5.65
N MET B 318 -26.90 11.61 5.41
CA MET B 318 -26.66 10.53 4.46
C MET B 318 -27.39 9.27 4.89
N SER B 319 -27.33 8.93 6.18
CA SER B 319 -27.94 7.69 6.62
C SER B 319 -29.47 7.80 6.57
N THR B 320 -29.99 8.97 6.91
CA THR B 320 -31.43 9.19 6.80
C THR B 320 -31.87 9.05 5.35
N ARG B 321 -31.08 9.62 4.44
CA ARG B 321 -31.44 9.58 3.04
C ARG B 321 -31.49 8.13 2.55
N VAL B 322 -30.53 7.30 2.98
CA VAL B 322 -30.51 5.96 2.42
C VAL B 322 -31.61 5.09 3.04
N LEU B 323 -31.87 5.27 4.34
CA LEU B 323 -33.03 4.66 4.97
C LEU B 323 -34.33 5.06 4.26
N GLU B 324 -34.45 6.34 3.92
CA GLU B 324 -35.63 6.77 3.20
C GLU B 324 -35.76 6.01 1.87
N MET B 325 -34.64 5.75 1.20
CA MET B 325 -34.72 5.04 -0.07
C MET B 325 -35.05 3.58 0.16
N ARG B 326 -34.48 2.98 1.19
CA ARG B 326 -34.85 1.60 1.52
C ARG B 326 -36.33 1.51 1.90
N GLN B 327 -36.83 2.50 2.62
CA GLN B 327 -38.22 2.53 3.03
C GLN B 327 -39.15 2.73 1.85
N ALA B 328 -38.74 3.57 0.89
CA ALA B 328 -39.50 3.71 -0.35
C ALA B 328 -39.55 2.39 -1.09
N LEU B 329 -38.43 1.68 -1.19
CA LEU B 329 -38.45 0.40 -1.92
C LEU B 329 -39.37 -0.56 -1.21
N TYR B 330 -39.20 -0.68 0.10
CA TYR B 330 -40.04 -1.59 0.86
C TYR B 330 -41.51 -1.22 0.72
N ASP B 331 -41.82 0.07 0.86
CA ASP B 331 -43.21 0.50 0.77
C ASP B 331 -43.78 0.19 -0.62
N GLY B 332 -42.99 0.45 -1.66
CA GLY B 332 -43.44 0.12 -3.00
C GLY B 332 -43.71 -1.36 -3.18
N LEU B 333 -42.77 -2.22 -2.77
CA LEU B 333 -43.00 -3.66 -2.94
C LEU B 333 -44.20 -4.12 -2.14
N LYS B 334 -44.40 -3.53 -0.95
CA LYS B 334 -45.56 -3.87 -0.13
C LYS B 334 -46.86 -3.48 -0.83
N ARG B 335 -46.92 -2.26 -1.40
CA ARG B 335 -48.13 -1.83 -2.13
C ARG B 335 -48.45 -2.71 -3.32
N LEU B 336 -47.44 -3.28 -3.94
CA LEU B 336 -47.65 -4.14 -5.09
C LEU B 336 -47.94 -5.59 -4.67
N GLY B 337 -47.79 -5.91 -3.40
CA GLY B 337 -47.95 -7.27 -2.95
C GLY B 337 -46.92 -8.24 -3.50
N THR B 338 -45.74 -7.74 -3.88
CA THR B 338 -44.67 -8.56 -4.41
C THR B 338 -44.40 -9.74 -3.48
N PRO B 339 -44.33 -10.97 -3.99
CA PRO B 339 -44.21 -12.16 -3.13
C PRO B 339 -42.91 -12.16 -2.38
N GLY B 340 -42.93 -12.79 -1.20
CA GLY B 340 -41.73 -12.93 -0.41
C GLY B 340 -41.69 -11.95 0.74
N SER B 341 -40.69 -12.14 1.60
CA SER B 341 -40.46 -11.24 2.72
C SER B 341 -39.49 -10.17 2.27
N TRP B 342 -39.83 -8.91 2.55
CA TRP B 342 -39.03 -7.77 2.14
C TRP B 342 -38.51 -7.00 3.36
N GLU B 343 -38.72 -7.52 4.57
CA GLU B 343 -38.25 -6.85 5.79
C GLU B 343 -36.75 -6.60 5.78
N HIS B 344 -35.98 -7.46 5.12
CA HIS B 344 -34.53 -7.28 5.10
C HIS B 344 -34.16 -5.96 4.47
N ILE B 345 -34.99 -5.44 3.58
CA ILE B 345 -34.70 -4.17 2.93
C ILE B 345 -34.57 -3.03 3.94
N ILE B 346 -35.46 -2.98 4.94
CA ILE B 346 -35.40 -1.87 5.88
C ILE B 346 -34.58 -2.22 7.12
N GLN B 347 -34.15 -3.47 7.26
CA GLN B 347 -33.24 -3.84 8.33
C GLN B 347 -31.78 -3.60 7.96
N GLN B 348 -31.48 -3.61 6.67
CA GLN B 348 -30.11 -3.50 6.18
C GLN B 348 -29.64 -2.06 6.32
N VAL B 349 -28.33 -1.87 6.43
CA VAL B 349 -27.80 -0.53 6.65
C VAL B 349 -26.59 -0.30 5.75
N GLY B 350 -26.22 0.97 5.61
CA GLY B 350 -25.08 1.29 4.83
C GLY B 350 -25.39 1.42 3.36
N MET B 351 -24.32 1.39 2.58
CA MET B 351 -24.40 1.69 1.16
C MET B 351 -24.89 0.52 0.33
N PHE B 352 -24.64 -0.71 0.78
CA PHE B 352 -24.95 -1.90 0.00
C PHE B 352 -26.03 -2.72 0.68
N SER B 353 -26.85 -3.36 -0.15
CA SER B 353 -27.87 -4.30 0.29
C SER B 353 -27.80 -5.59 -0.54
N TYR B 354 -28.04 -6.72 0.11
CA TYR B 354 -28.43 -7.92 -0.65
C TYR B 354 -29.93 -7.81 -0.87
N LEU B 355 -30.34 -7.56 -2.09
CA LEU B 355 -31.77 -7.36 -2.34
C LEU B 355 -32.59 -8.65 -2.19
N GLY B 356 -31.95 -9.82 -2.26
CA GLY B 356 -32.69 -11.08 -2.10
C GLY B 356 -33.08 -11.75 -3.40
N LEU B 357 -32.53 -11.34 -4.52
CA LEU B 357 -32.91 -11.90 -5.81
C LEU B 357 -32.02 -13.08 -6.17
N THR B 358 -32.59 -14.03 -6.89
CA THR B 358 -31.80 -15.10 -7.50
C THR B 358 -30.92 -14.51 -8.60
N LYS B 359 -29.93 -15.29 -9.01
CA LYS B 359 -29.09 -14.88 -10.12
C LYS B 359 -29.93 -14.60 -11.36
N ALA B 360 -30.92 -15.47 -11.65
CA ALA B 360 -31.73 -15.33 -12.84
C ALA B 360 -32.64 -14.11 -12.75
N GLN B 361 -33.12 -13.79 -11.57
CA GLN B 361 -33.88 -12.55 -11.43
C GLN B 361 -32.96 -11.35 -11.63
N CYS B 362 -31.71 -11.42 -11.13
CA CYS B 362 -30.77 -10.33 -11.36
C CYS B 362 -30.44 -10.17 -12.84
N GLU B 363 -30.22 -11.29 -13.54
CA GLU B 363 -29.99 -11.23 -14.99
C GLU B 363 -31.16 -10.57 -15.70
N LYS B 364 -32.40 -10.90 -15.32
CA LYS B 364 -33.53 -10.28 -16.02
C LYS B 364 -33.62 -8.79 -15.71
N LEU B 365 -33.27 -8.36 -14.50
CA LEU B 365 -33.30 -6.94 -14.19
C LEU B 365 -32.38 -6.15 -15.13
N ILE B 366 -31.24 -6.73 -15.46
CA ILE B 366 -30.30 -6.08 -16.37
C ILE B 366 -30.97 -5.78 -17.72
N GLU B 367 -31.93 -6.61 -18.15
CA GLU B 367 -32.61 -6.36 -19.40
C GLU B 367 -33.63 -5.23 -19.30
N ARG B 368 -34.12 -4.94 -18.10
CA ARG B 368 -34.84 -3.72 -17.83
C ARG B 368 -33.90 -2.58 -17.50
N ARG B 369 -32.58 -2.81 -17.64
CA ARG B 369 -31.56 -1.82 -17.34
C ARG B 369 -31.59 -1.38 -15.87
N VAL B 370 -31.89 -2.31 -14.98
CA VAL B 370 -31.64 -2.13 -13.56
C VAL B 370 -30.43 -3.00 -13.22
N PHE B 371 -29.32 -2.39 -12.92
CA PHE B 371 -28.07 -3.11 -12.88
C PHE B 371 -27.71 -3.37 -11.44
N VAL B 372 -27.83 -4.61 -11.05
CA VAL B 372 -27.30 -5.09 -9.78
C VAL B 372 -26.29 -6.19 -10.07
N LEU B 373 -25.47 -6.52 -9.07
CA LEU B 373 -24.60 -7.68 -9.24
C LEU B 373 -25.42 -8.97 -9.14
N PRO B 374 -25.01 -10.04 -9.84
CA PRO B 374 -25.77 -11.31 -9.80
C PRO B 374 -25.90 -11.91 -8.41
N SER B 375 -25.01 -11.51 -7.47
CA SER B 375 -25.09 -11.73 -6.03
C SER B 375 -26.05 -10.78 -5.33
N GLY B 376 -27.13 -10.39 -5.99
CA GLY B 376 -28.12 -9.49 -5.43
C GLY B 376 -27.66 -8.18 -4.81
N ARG B 377 -26.33 -7.91 -4.78
CA ARG B 377 -25.81 -6.69 -4.17
C ARG B 377 -26.19 -5.45 -4.98
N ALA B 378 -26.73 -4.47 -4.29
CA ALA B 378 -27.09 -3.21 -4.88
C ALA B 378 -26.51 -2.13 -4.02
N ASN B 379 -25.92 -1.13 -4.67
CA ASN B 379 -25.59 0.13 -3.99
C ASN B 379 -26.88 0.94 -3.85
N MET B 380 -27.42 0.97 -2.64
CA MET B 380 -28.66 1.65 -2.34
C MET B 380 -28.50 3.15 -2.18
N ALA B 381 -27.30 3.62 -1.96
CA ALA B 381 -27.12 5.00 -1.50
C ALA B 381 -27.26 5.99 -2.62
N GLY B 382 -27.04 5.55 -3.84
CA GLY B 382 -27.27 6.45 -4.96
C GLY B 382 -28.71 6.50 -5.46
N LEU B 383 -29.60 5.74 -4.83
CA LEU B 383 -31.00 5.68 -5.23
C LEU B 383 -31.67 7.03 -5.00
N THR B 384 -32.63 7.32 -5.84
CA THR B 384 -33.41 8.55 -5.74
C THR B 384 -34.88 8.15 -5.77
N LYS B 385 -35.75 9.11 -5.45
CA LYS B 385 -37.18 8.88 -5.59
C LYS B 385 -37.49 8.39 -7.00
N ARG B 386 -36.88 9.00 -8.00
CA ARG B 386 -37.08 8.55 -9.37
C ARG B 386 -36.63 7.10 -9.53
N SER B 387 -35.39 6.79 -9.16
CA SER B 387 -34.82 5.49 -9.46
C SER B 387 -35.39 4.38 -8.57
N VAL B 388 -35.78 4.73 -7.34
CA VAL B 388 -36.31 3.71 -6.45
C VAL B 388 -37.61 3.17 -6.99
N GLU B 389 -38.41 4.04 -7.62
CA GLU B 389 -39.66 3.58 -8.19
C GLU B 389 -39.42 2.61 -9.34
N LEU B 390 -38.38 2.81 -10.12
CA LEU B 390 -38.02 1.82 -11.15
C LEU B 390 -37.54 0.52 -10.54
N LEU B 391 -36.77 0.59 -9.46
CA LEU B 391 -36.36 -0.64 -8.80
C LEU B 391 -37.55 -1.42 -8.26
N VAL B 392 -38.54 -0.72 -7.68
CA VAL B 392 -39.74 -1.36 -7.14
C VAL B 392 -40.39 -2.20 -8.23
N LYS B 393 -40.64 -1.59 -9.38
CA LYS B 393 -41.30 -2.27 -10.49
C LYS B 393 -40.41 -3.34 -11.11
N GLY B 394 -39.12 -3.10 -11.23
CA GLY B 394 -38.25 -4.15 -11.74
C GLY B 394 -38.27 -5.37 -10.82
N ILE B 395 -38.17 -5.14 -9.51
CA ILE B 395 -38.14 -6.25 -8.57
C ILE B 395 -39.46 -6.99 -8.60
N ASP B 396 -40.57 -6.26 -8.52
CA ASP B 396 -41.87 -6.90 -8.61
C ASP B 396 -41.98 -7.72 -9.88
N GLU B 397 -41.41 -7.23 -10.98
CA GLU B 397 -41.50 -7.94 -12.27
C GLU B 397 -40.73 -9.26 -12.23
N VAL B 398 -39.45 -9.22 -11.85
CA VAL B 398 -38.61 -10.42 -11.98
C VAL B 398 -38.99 -11.43 -10.92
N VAL B 399 -39.44 -10.97 -9.76
CA VAL B 399 -39.95 -11.90 -8.75
C VAL B 399 -41.16 -12.65 -9.26
N ARG B 400 -42.10 -11.96 -9.91
CA ARG B 400 -43.33 -12.62 -10.36
C ARG B 400 -43.18 -13.44 -11.63
N THR B 401 -42.17 -13.17 -12.44
CA THR B 401 -42.09 -13.77 -13.77
C THR B 401 -40.89 -14.68 -14.02
N VAL B 402 -39.95 -14.82 -13.09
CA VAL B 402 -38.73 -15.63 -13.33
C VAL B 402 -38.68 -16.86 -12.41
N THR B 403 -38.39 -18.01 -13.02
CA THR B 403 -38.23 -19.36 -12.40
C THR B 403 -39.44 -19.77 -11.58
N1 PLP C . 13.95 0.97 -3.48
C2 PLP C . 14.99 1.83 -3.54
C2A PLP C . 16.35 1.32 -3.90
C3 PLP C . 14.80 3.25 -3.29
O3 PLP C . 15.86 4.06 -3.33
C4 PLP C . 13.45 3.70 -2.91
C4A PLP C . 13.15 5.12 -2.71
C5 PLP C . 12.38 2.66 -2.92
C6 PLP C . 12.70 1.35 -3.17
C5A PLP C . 10.95 2.91 -2.56
O4P PLP C . 10.35 3.85 -3.38
P PLP C . 9.22 4.65 -2.77
O1P PLP C . 8.59 5.24 -3.84
O2P PLP C . 9.59 5.74 -1.99
O3P PLP C . 8.20 3.94 -2.15
H2A1 PLP C . 16.32 0.89 -4.86
H2A2 PLP C . 16.66 0.61 -3.19
H2A3 PLP C . 17.03 2.13 -3.90
H4A PLP C . 12.18 5.45 -2.41
H6 PLP C . 11.92 0.59 -3.13
H5A1 PLP C . 10.89 3.25 -1.52
H5A2 PLP C . 10.39 1.98 -2.63
N1 PLP D . -13.15 -3.34 4.34
C2 PLP D . -14.47 -3.23 4.12
C2A PLP D . -15.51 -4.08 4.81
C3 PLP D . -14.94 -2.25 3.14
O3 PLP D . -16.27 -2.06 2.92
C4 PLP D . -13.94 -1.47 2.44
C4A PLP D . -14.63 -0.46 1.67
C5 PLP D . -12.51 -1.65 2.80
C6 PLP D . -12.22 -2.62 3.72
C5A PLP D . -11.35 -0.96 2.18
O4P PLP D . -11.14 0.37 2.59
P PLP D . -10.29 1.27 1.56
O1P PLP D . -11.08 1.48 0.31
O2P PLP D . -8.94 0.60 1.17
O3P PLP D . -10.20 2.63 2.25
H2A1 PLP D . -15.43 -3.93 5.85
H2A2 PLP D . -15.33 -5.09 4.58
H2A3 PLP D . -16.47 -3.81 4.47
H4A PLP D . -15.69 -0.54 1.53
H6 PLP D . -11.18 -2.81 3.94
H5A1 PLP D . -11.48 -0.96 1.09
H5A2 PLP D . -10.44 -1.53 2.40
#